data_4XP5
#
_entry.id   4XP5
#
_cell.length_a   95.250
_cell.length_b   137.980
_cell.length_c   163.390
_cell.angle_alpha   90.000
_cell.angle_beta   90.000
_cell.angle_gamma   90.000
#
_symmetry.space_group_name_H-M   'P 21 21 21'
#
loop_
_entity.id
_entity.type
_entity.pdbx_description
1 polymer 'Dopamine transporter, isoform B'
2 polymer 'Antibody fragment heavy chain-protein, 9D5-heavy chain'
3 polymer 'Ighg protein'
4 branched alpha-D-glucopyranose-(1-4)-alpha-D-glucopyranose
5 non-polymer 'methyl (1R,2S,3S,5S)-3-(4-iodophenyl)-8-methyl-8-azabicyclo[3.2.1]octane-2-carboxylate'
6 non-polymer CHOLESTEROL
7 non-polymer 1-ETHOXY-2-(2-ETHOXYETHOXY)ETHANE
8 non-polymer 'SODIUM ION'
9 non-polymer 'CHLORIDE ION'
#
loop_
_entity_poly.entity_id
_entity_poly.type
_entity_poly.pdbx_seq_one_letter_code
_entity_poly.pdbx_strand_id
1 'polypeptide(L)'
;DERETWSGKVDFLLSVIGFAVDLANVWRFPYLCYKNGGGAFLVPYGIMLAVGGIPLFYMELALGQHNRKGAITCWGRLVP
LFKGIGYAVVLIAFYVDFYYNVIIAWSLRFFFASFTNSLPWTSCNNIWNTPNCRPFEGHVEGFQSAASEYFNRYILELNR
SEGIHDLGAIKWDMALCLLIVYLICYFSLWKGISTSGKVVWFTALFPYAVLLILLIRGLTLPGSFLGIQYYLTPNFSAIY
KAEVWVDAATQVFFSLGPGFGVLLAYASYNKYHNNVYKDALLTSFINSATSFIAGFVIFSVLGYMAHTLGVRIEDVATEG
PGLVFVVYPAAIATMPASTFWALIFFMMLATLGLDSSFGGSEAIITALSDEFPKIKRNRELFVAGLFSLYFVVGLASCTQ
GGFYFFHLLDRYAAGYSILVAVFFEAIAVSWIYGTNRFSEDIRDMIGFPPGRYWQVCWRFVAPIFLLFITVYGLIGYEPL
TYADYVYPSWANALGWCIAGSSVVMIPAVAIFKLLSTPGSLRQRFTILTTPWRD
;
A
2 'polypeptide(L)'
;ENVLTQSPAIMSTSPGEKVTMTCRASSSVGSSYLHWYQQKSGASPKLWIYSTSNLASGVPARFSGSGSGTSYSLTISSVE
AEDAATYYCQQFSGYPLTFGSGTKLEMKRADAAPTVSIFPPSSEQLTSGGASVVCFLNNFYPKDINVKWKIDGSERQNGV
LNSWTDQDSKDSTYSMSSTLTLTKDEYERHNSYTCEATHKTSTSPIVKSFNRN
;
L
3 'polypeptide(L)'
;EVQLVESGGGLVKPGGSLKLSCAASGFTFSSYAMSWVRQSPEKRLEWVAEISSGGRYIYYSDTVTGRFTISRDNARNILH
LEMSSLRSEDTAMYYCARGEVRQRGFDYWGQGTTLTVSSAKTTAPSVYPLAPVCGDTTGSSVTLGCLVKGYFPEPVTLTW
NSGSLSSGVHTFPAVLQSDLYTLSSSVTVTSSTWPSQSITCNVAHPASSTKVDKKIEPR
;
H
#
loop_
_chem_comp.id
_chem_comp.type
_chem_comp.name
_chem_comp.formula
42F non-polymer 'methyl (1R,2S,3S,5S)-3-(4-iodophenyl)-8-methyl-8-azabicyclo[3.2.1]octane-2-carboxylate' 'C16 H20 I N O2'
CL non-polymer 'CHLORIDE ION' 'Cl -1'
CLR non-polymer CHOLESTEROL 'C27 H46 O'
GLC D-saccharide, alpha linking alpha-D-glucopyranose 'C6 H12 O6'
NA non-polymer 'SODIUM ION' 'Na 1'
P4G non-polymer 1-ETHOXY-2-(2-ETHOXYETHOXY)ETHANE 'C8 H18 O3'
#
# COMPACT_ATOMS: atom_id res chain seq x y z
N ASP A 1 9.41 -6.77 16.53
CA ASP A 1 9.99 -7.05 17.84
C ASP A 1 11.47 -6.65 17.86
N GLU A 2 11.78 -5.54 18.52
CA GLU A 2 10.76 -4.67 19.09
C GLU A 2 11.21 -3.22 18.98
N ARG A 3 10.27 -2.33 18.67
CA ARG A 3 10.62 -0.92 18.52
C ARG A 3 9.48 0.00 18.94
N GLU A 4 9.85 1.11 19.57
CA GLU A 4 8.89 2.13 19.96
C GLU A 4 8.20 2.70 18.73
N THR A 5 6.93 3.08 18.88
CA THR A 5 6.18 3.61 17.75
C THR A 5 5.60 4.99 18.07
N TRP A 6 5.27 5.74 17.03
CA TRP A 6 4.61 7.04 17.19
C TRP A 6 3.29 6.86 17.92
N SER A 7 2.99 7.78 18.83
CA SER A 7 1.71 7.75 19.53
C SER A 7 0.53 7.80 18.58
N GLY A 8 0.31 8.97 17.95
CA GLY A 8 -0.86 9.17 17.12
C GLY A 8 -0.69 9.21 15.62
N LYS A 9 0.57 9.20 15.16
CA LYS A 9 0.92 9.33 13.75
C LYS A 9 0.66 10.74 13.22
N VAL A 10 -0.08 11.52 13.99
CA VAL A 10 -0.12 12.97 13.80
C VAL A 10 1.12 13.54 14.47
N ASP A 11 1.65 12.75 15.40
CA ASP A 11 2.96 12.99 15.97
C ASP A 11 3.97 12.88 14.84
N PHE A 12 3.92 11.76 14.11
CA PHE A 12 4.82 11.55 12.99
C PHE A 12 4.64 12.60 11.92
N LEU A 13 3.40 12.86 11.53
CA LEU A 13 3.11 13.84 10.50
C LEU A 13 3.65 15.21 10.87
N LEU A 14 3.25 15.70 12.03
CA LEU A 14 3.70 17.01 12.51
C LEU A 14 5.20 17.00 12.78
N SER A 15 5.73 15.83 13.14
CA SER A 15 7.16 15.70 13.38
C SER A 15 7.92 15.83 12.07
N VAL A 16 7.39 15.20 11.02
CA VAL A 16 8.00 15.27 9.70
C VAL A 16 7.67 16.59 9.01
N ILE A 17 6.44 17.06 9.17
CA ILE A 17 6.05 18.37 8.67
C ILE A 17 6.92 19.44 9.30
N GLY A 18 7.09 19.33 10.61
CA GLY A 18 7.93 20.25 11.36
C GLY A 18 9.36 20.20 10.89
N PHE A 19 9.90 18.99 10.76
CA PHE A 19 11.28 18.82 10.29
C PHE A 19 11.47 19.42 8.90
N ALA A 20 10.48 19.25 8.03
CA ALA A 20 10.58 19.69 6.64
C ALA A 20 10.41 21.19 6.50
N VAL A 21 9.60 21.79 7.37
CA VAL A 21 9.35 23.22 7.30
C VAL A 21 10.29 24.00 8.21
N ASP A 22 11.19 24.78 7.60
CA ASP A 22 12.14 25.56 8.37
C ASP A 22 12.35 26.94 7.74
N LEU A 23 13.32 27.68 8.27
CA LEU A 23 13.61 29.05 7.83
C LEU A 23 13.81 29.16 6.33
N ALA A 24 14.33 28.09 5.71
CA ALA A 24 14.54 28.07 4.27
C ALA A 24 13.23 28.28 3.54
N ASN A 25 12.15 27.74 4.09
CA ASN A 25 10.81 27.92 3.53
C ASN A 25 10.45 29.39 3.41
N VAL A 26 10.75 30.16 4.46
CA VAL A 26 10.43 31.58 4.48
C VAL A 26 11.41 32.46 3.70
N TRP A 27 12.71 32.26 3.87
CA TRP A 27 13.70 33.19 3.33
C TRP A 27 14.28 32.79 1.97
N ARG A 28 13.86 31.64 1.46
CA ARG A 28 14.45 31.13 0.21
C ARG A 28 13.42 31.04 -0.91
N PHE A 29 12.41 30.20 -0.72
CA PHE A 29 11.37 29.97 -1.73
C PHE A 29 10.80 31.27 -2.30
N PRO A 30 10.32 32.17 -1.43
CA PRO A 30 9.79 33.46 -1.90
C PRO A 30 10.80 34.23 -2.75
N TYR A 31 12.07 34.24 -2.34
CA TYR A 31 13.11 34.91 -3.10
C TYR A 31 13.23 34.34 -4.51
N LEU A 32 13.14 33.01 -4.61
CA LEU A 32 13.26 32.32 -5.89
C LEU A 32 12.09 32.63 -6.81
N CYS A 33 10.91 32.83 -6.23
CA CYS A 33 9.73 33.20 -7.00
C CYS A 33 9.89 34.61 -7.54
N TYR A 34 10.35 35.52 -6.69
CA TYR A 34 10.66 36.88 -7.11
C TYR A 34 11.81 36.86 -8.13
N LYS A 35 12.81 36.03 -7.86
CA LYS A 35 13.98 35.94 -8.72
C LYS A 35 13.69 35.32 -10.08
N ASN A 36 12.98 34.19 -10.09
CA ASN A 36 12.69 33.52 -11.36
C ASN A 36 11.22 33.58 -11.77
N GLY A 37 10.96 34.37 -12.79
CA GLY A 37 9.70 34.35 -13.51
C GLY A 37 8.43 34.40 -12.69
N GLY A 38 8.49 35.04 -11.52
CA GLY A 38 7.32 35.15 -10.66
C GLY A 38 6.67 33.81 -10.38
N GLY A 39 5.34 33.77 -10.48
CA GLY A 39 4.58 32.55 -10.27
C GLY A 39 4.88 31.50 -11.32
N ALA A 40 5.41 31.93 -12.46
CA ALA A 40 5.78 31.00 -13.52
C ALA A 40 6.88 30.07 -13.05
N PHE A 41 7.55 30.45 -11.97
CA PHE A 41 8.58 29.61 -11.37
C PHE A 41 7.98 28.32 -10.83
N LEU A 42 6.68 28.36 -10.53
CA LEU A 42 5.98 27.21 -10.00
C LEU A 42 6.00 26.05 -10.99
N VAL A 43 6.06 26.37 -12.28
CA VAL A 43 6.07 25.35 -13.32
C VAL A 43 7.28 24.43 -13.21
N PRO A 44 8.50 25.00 -13.28
CA PRO A 44 9.70 24.17 -13.14
C PRO A 44 9.83 23.64 -11.72
N TYR A 45 9.30 24.42 -10.77
CA TYR A 45 9.31 24.02 -9.37
C TYR A 45 8.49 22.77 -9.17
N GLY A 46 7.26 22.79 -9.65
CA GLY A 46 6.37 21.64 -9.53
C GLY A 46 6.93 20.43 -10.24
N ILE A 47 7.41 20.64 -11.46
CA ILE A 47 7.98 19.55 -12.25
C ILE A 47 9.16 18.92 -11.52
N MET A 48 10.10 19.76 -11.08
CA MET A 48 11.25 19.28 -10.32
C MET A 48 10.83 18.65 -9.00
N LEU A 49 9.69 19.10 -8.48
CA LEU A 49 9.16 18.57 -7.23
C LEU A 49 8.58 17.18 -7.44
N ALA A 50 7.85 17.02 -8.54
CA ALA A 50 7.20 15.75 -8.85
C ALA A 50 8.21 14.66 -9.21
N VAL A 51 9.06 14.94 -10.20
CA VAL A 51 10.04 13.94 -10.60
C VAL A 51 11.21 13.83 -9.63
N GLY A 52 11.87 14.94 -9.35
CA GLY A 52 13.00 14.92 -8.45
C GLY A 52 12.79 14.89 -6.95
N GLY A 53 11.98 15.82 -6.45
CA GLY A 53 11.91 16.05 -5.02
C GLY A 53 11.14 15.06 -4.17
N ILE A 54 9.90 14.80 -4.56
CA ILE A 54 9.02 13.93 -3.78
C ILE A 54 9.46 12.47 -3.82
N PRO A 55 9.80 11.97 -5.02
CA PRO A 55 10.30 10.60 -5.17
C PRO A 55 11.45 10.28 -4.23
N LEU A 56 12.32 11.25 -3.97
CA LEU A 56 13.40 11.05 -3.00
C LEU A 56 12.85 11.11 -1.57
N PHE A 57 11.98 12.08 -1.33
CA PHE A 57 11.35 12.23 -0.02
C PHE A 57 10.47 11.02 0.29
N TYR A 58 9.71 10.58 -0.70
CA TYR A 58 8.90 9.38 -0.60
C TYR A 58 9.78 8.19 -0.28
N MET A 59 10.93 8.13 -0.95
CA MET A 59 11.87 7.03 -0.78
C MET A 59 12.30 6.86 0.67
N GLU A 60 12.84 7.92 1.26
CA GLU A 60 13.35 7.85 2.62
C GLU A 60 12.29 7.44 3.63
N LEU A 61 11.12 8.07 3.54
CA LEU A 61 10.03 7.76 4.45
C LEU A 61 9.60 6.31 4.32
N ALA A 62 9.50 5.84 3.08
CA ALA A 62 9.12 4.44 2.82
C ALA A 62 10.27 3.51 3.20
N LEU A 63 11.49 3.97 2.96
CA LEU A 63 12.68 3.16 3.22
C LEU A 63 12.87 2.96 4.72
N GLY A 64 12.87 4.04 5.48
CA GLY A 64 13.09 3.98 6.90
C GLY A 64 12.01 3.19 7.63
N GLN A 65 10.76 3.46 7.30
CA GLN A 65 9.63 2.79 7.93
C GLN A 65 9.66 1.28 7.73
N HIS A 66 9.94 0.85 6.50
CA HIS A 66 9.99 -0.58 6.19
C HIS A 66 11.07 -1.30 6.99
N ASN A 67 12.30 -0.82 6.88
CA ASN A 67 13.43 -1.46 7.55
C ASN A 67 13.33 -1.32 9.06
N ARG A 68 12.52 -0.39 9.52
CA ARG A 68 12.15 -0.30 10.94
C ARG A 68 13.35 -0.07 11.85
N LYS A 69 14.41 0.51 11.30
CA LYS A 69 15.63 0.76 12.07
C LYS A 69 16.27 2.08 11.68
N GLY A 70 17.20 2.55 12.50
CA GLY A 70 17.86 3.83 12.29
C GLY A 70 18.66 3.87 11.01
N ALA A 71 19.14 5.08 10.66
CA ALA A 71 19.80 5.32 9.38
C ALA A 71 20.94 4.35 9.09
N ILE A 72 21.87 4.21 10.03
CA ILE A 72 23.03 3.33 9.84
C ILE A 72 22.60 1.87 9.67
N THR A 73 21.87 1.36 10.65
CA THR A 73 21.39 -0.02 10.61
C THR A 73 20.52 -0.25 9.38
N CYS A 74 19.84 0.80 8.95
CA CYS A 74 18.97 0.72 7.79
C CYS A 74 19.74 0.36 6.53
N TRP A 75 20.86 1.03 6.31
CA TRP A 75 21.71 0.72 5.16
C TRP A 75 22.60 -0.49 5.43
N GLY A 76 22.79 -0.79 6.71
CA GLY A 76 23.48 -2.00 7.10
C GLY A 76 22.56 -3.18 6.84
N ARG A 77 21.26 -2.93 6.99
CA ARG A 77 20.22 -3.91 6.76
C ARG A 77 19.96 -4.07 5.26
N LEU A 78 20.04 -2.97 4.54
CA LEU A 78 19.69 -2.94 3.13
C LEU A 78 20.86 -3.41 2.25
N VAL A 79 21.91 -2.62 2.19
CA VAL A 79 23.10 -2.96 1.44
C VAL A 79 24.35 -2.71 2.28
N PRO A 80 24.77 -3.74 3.04
CA PRO A 80 25.87 -3.67 4.01
C PRO A 80 27.15 -3.06 3.44
N LEU A 81 27.37 -3.19 2.14
CA LEU A 81 28.50 -2.55 1.47
C LEU A 81 28.37 -1.04 1.56
N PHE A 82 27.15 -0.55 1.38
CA PHE A 82 26.86 0.88 1.35
C PHE A 82 26.44 1.43 2.70
N LYS A 83 26.53 0.59 3.73
CA LYS A 83 26.19 0.97 5.09
C LYS A 83 26.88 2.28 5.49
N GLY A 84 28.01 2.56 4.86
CA GLY A 84 28.69 3.83 5.01
C GLY A 84 27.79 5.02 4.70
N ILE A 85 26.80 4.80 3.83
CA ILE A 85 25.80 5.81 3.55
C ILE A 85 25.04 6.17 4.82
N GLY A 86 24.71 5.16 5.60
CA GLY A 86 24.06 5.36 6.88
C GLY A 86 24.97 6.14 7.80
N TYR A 87 26.24 5.77 7.81
CA TYR A 87 27.25 6.49 8.58
C TYR A 87 27.39 7.92 8.06
N ALA A 88 27.52 8.06 6.75
CA ALA A 88 27.69 9.37 6.12
C ALA A 88 26.51 10.28 6.41
N VAL A 89 25.31 9.73 6.26
CA VAL A 89 24.09 10.50 6.45
C VAL A 89 23.93 11.02 7.88
N VAL A 90 24.24 10.17 8.85
CA VAL A 90 24.07 10.54 10.25
C VAL A 90 25.01 11.65 10.69
N LEU A 91 26.28 11.55 10.30
CA LEU A 91 27.26 12.54 10.72
C LEU A 91 27.13 13.82 9.90
N ILE A 92 26.41 13.74 8.78
CA ILE A 92 26.05 14.94 8.03
C ILE A 92 25.13 15.80 8.89
N ALA A 93 24.17 15.16 9.53
CA ALA A 93 23.29 15.84 10.47
C ALA A 93 24.06 16.23 11.73
N PHE A 94 25.05 15.41 12.08
CA PHE A 94 25.91 15.68 13.22
C PHE A 94 26.65 16.99 13.02
N TYR A 95 27.07 17.23 11.78
CA TYR A 95 27.79 18.46 11.45
C TYR A 95 26.86 19.67 11.48
N VAL A 96 25.69 19.53 10.87
CA VAL A 96 24.74 20.63 10.78
C VAL A 96 24.29 21.12 12.16
N ASP A 97 24.21 20.20 13.11
CA ASP A 97 23.74 20.51 14.46
C ASP A 97 24.59 21.59 15.13
N PHE A 98 25.83 21.74 14.66
CA PHE A 98 26.72 22.75 15.21
C PHE A 98 26.30 24.17 14.84
N TYR A 99 26.13 24.43 13.54
CA TYR A 99 25.81 25.79 13.09
C TYR A 99 24.32 26.09 13.00
N TYR A 100 23.48 25.07 13.06
CA TYR A 100 22.07 25.29 12.75
C TYR A 100 21.30 25.92 13.89
N ASN A 101 21.54 25.45 15.11
CA ASN A 101 20.78 25.92 16.27
C ASN A 101 21.07 27.38 16.57
N VAL A 102 22.10 27.92 15.92
CA VAL A 102 22.48 29.31 16.08
C VAL A 102 21.39 30.24 15.57
N ILE A 103 20.72 29.84 14.50
CA ILE A 103 19.66 30.64 13.92
C ILE A 103 18.48 30.73 14.87
N ILE A 104 18.21 29.63 15.57
CA ILE A 104 17.16 29.61 16.58
C ILE A 104 17.55 30.50 17.76
N ALA A 105 18.83 30.44 18.14
CA ALA A 105 19.35 31.29 19.19
C ALA A 105 19.17 32.75 18.81
N TRP A 106 19.50 33.05 17.56
CA TRP A 106 19.28 34.38 17.01
C TRP A 106 17.81 34.77 17.15
N SER A 107 16.94 33.82 16.79
CA SER A 107 15.50 34.02 16.88
C SER A 107 15.08 34.34 18.31
N LEU A 108 15.70 33.65 19.27
CA LEU A 108 15.40 33.88 20.68
C LEU A 108 16.05 35.16 21.17
N ARG A 109 17.25 35.45 20.69
CA ARG A 109 17.94 36.68 21.06
C ARG A 109 17.15 37.89 20.57
N PHE A 110 16.53 37.74 19.40
CA PHE A 110 15.64 38.77 18.89
C PHE A 110 14.34 38.76 19.67
N PHE A 111 13.91 37.58 20.09
CA PHE A 111 12.69 37.44 20.87
C PHE A 111 12.84 38.10 22.23
N PHE A 112 14.06 38.09 22.77
CA PHE A 112 14.34 38.75 24.03
C PHE A 112 14.40 40.26 23.85
N ALA A 113 15.11 40.69 22.82
CA ALA A 113 15.27 42.11 22.53
C ALA A 113 13.97 42.70 22.01
N SER A 114 12.99 41.84 21.76
CA SER A 114 11.72 42.26 21.19
C SER A 114 10.67 42.63 22.27
N PHE A 115 11.05 42.63 23.55
CA PHE A 115 10.09 43.12 24.53
C PHE A 115 10.35 44.60 24.72
N THR A 116 9.45 45.39 24.15
CA THR A 116 9.42 46.83 24.29
C THR A 116 8.38 47.33 23.31
N ASN A 117 7.94 48.58 23.44
CA ASN A 117 7.18 49.18 22.34
C ASN A 117 8.07 50.01 21.44
N SER A 118 9.34 50.13 21.81
CA SER A 118 10.33 50.73 20.94
C SER A 118 11.34 49.68 20.50
N LEU A 119 11.30 49.32 19.22
CA LEU A 119 12.18 48.29 18.70
C LEU A 119 13.53 48.87 18.32
N PRO A 120 14.61 48.26 18.84
CA PRO A 120 15.97 48.79 18.74
C PRO A 120 16.53 48.87 17.32
N TRP A 121 16.00 48.07 16.39
CA TRP A 121 16.57 48.00 15.06
C TRP A 121 15.95 49.02 14.08
N THR A 122 15.06 49.88 14.57
CA THR A 122 14.47 50.90 13.70
C THR A 122 15.22 52.22 13.81
N SER A 123 16.28 52.25 14.62
CA SER A 123 16.96 53.51 14.92
C SER A 123 18.40 53.57 14.41
N CYS A 124 18.76 54.69 13.81
CA CYS A 124 20.14 54.92 13.41
C CYS A 124 20.90 55.74 14.45
N ASN A 125 20.23 56.14 15.52
CA ASN A 125 20.83 56.99 16.53
C ASN A 125 21.50 56.24 17.68
N ASN A 126 21.57 54.91 17.60
CA ASN A 126 22.05 54.12 18.73
C ASN A 126 23.57 54.04 18.85
N ILE A 127 24.03 53.34 19.88
CA ILE A 127 25.45 53.25 20.24
C ILE A 127 26.26 52.44 19.24
N TRP A 128 25.64 51.43 18.65
CA TRP A 128 26.34 50.50 17.77
C TRP A 128 26.32 50.94 16.31
N ASN A 129 25.63 52.04 16.03
CA ASN A 129 25.40 52.47 14.66
C ASN A 129 26.63 53.05 13.97
N THR A 130 26.44 53.44 12.71
CA THR A 130 27.50 53.99 11.88
C THR A 130 26.95 55.19 11.11
N PRO A 131 27.80 56.20 10.85
CA PRO A 131 27.40 57.35 10.05
C PRO A 131 26.85 56.93 8.69
N ASN A 132 27.25 55.74 8.24
CA ASN A 132 26.80 55.18 6.98
C ASN A 132 25.40 54.59 7.08
N CYS A 133 24.87 54.54 8.30
CA CYS A 133 23.57 53.91 8.54
C CYS A 133 22.45 54.56 7.74
N ARG A 134 21.52 53.72 7.28
CA ARG A 134 20.30 54.16 6.62
C ARG A 134 19.09 53.77 7.45
N PRO A 135 17.99 54.51 7.30
CA PRO A 135 16.75 54.12 7.98
C PRO A 135 16.27 52.76 7.51
N PHE A 136 16.47 52.47 6.23
CA PHE A 136 16.08 51.18 5.67
C PHE A 136 17.08 50.71 4.60
N GLU A 137 16.83 49.54 4.02
CA GLU A 137 17.77 48.89 3.11
C GLU A 137 18.20 49.77 1.95
N GLY A 138 19.50 49.79 1.68
CA GLY A 138 20.06 50.57 0.59
C GLY A 138 20.82 49.73 -0.42
N HIS A 139 21.19 50.34 -1.54
CA HIS A 139 21.91 49.64 -2.59
C HIS A 139 23.37 49.41 -2.23
N VAL A 140 24.03 50.45 -1.75
CA VAL A 140 25.47 50.41 -1.49
C VAL A 140 25.82 49.54 -0.27
N GLU A 141 26.74 48.60 -0.47
CA GLU A 141 27.12 47.67 0.59
C GLU A 141 27.80 48.40 1.73
N GLY A 142 28.49 49.49 1.40
CA GLY A 142 29.15 50.31 2.40
C GLY A 142 28.17 50.84 3.43
N PHE A 143 26.97 51.22 2.98
CA PHE A 143 25.97 51.76 3.89
C PHE A 143 24.92 50.69 4.20
N GLN A 144 24.97 50.20 5.44
CA GLN A 144 23.99 49.24 5.93
C GLN A 144 22.71 49.96 6.34
N SER A 145 21.59 49.24 6.34
CA SER A 145 20.35 49.80 6.86
C SER A 145 20.42 49.84 8.38
N ALA A 146 19.37 50.36 9.00
CA ALA A 146 19.32 50.46 10.46
C ALA A 146 19.15 49.08 11.07
N ALA A 147 18.23 48.30 10.50
CA ALA A 147 17.97 46.95 10.96
C ALA A 147 19.13 46.03 10.63
N SER A 148 19.85 46.34 9.55
CA SER A 148 21.02 45.56 9.17
C SER A 148 22.16 45.75 10.17
N GLU A 149 22.36 46.99 10.60
CA GLU A 149 23.41 47.30 11.56
C GLU A 149 23.14 46.61 12.90
N TYR A 150 21.89 46.64 13.34
CA TYR A 150 21.51 45.99 14.60
C TYR A 150 21.94 44.53 14.60
N PHE A 151 21.63 43.84 13.51
CA PHE A 151 21.97 42.42 13.38
C PHE A 151 23.48 42.23 13.35
N ASN A 152 24.15 42.99 12.49
CA ASN A 152 25.59 42.86 12.33
C ASN A 152 26.37 43.45 13.49
N ARG A 153 26.03 44.68 13.86
CA ARG A 153 26.81 45.44 14.84
C ARG A 153 26.52 45.05 16.29
N TYR A 154 25.25 44.84 16.62
CA TYR A 154 24.87 44.57 18.00
C TYR A 154 24.83 43.08 18.33
N ILE A 155 23.85 42.38 17.77
CA ILE A 155 23.62 40.97 18.08
C ILE A 155 24.84 40.10 17.81
N LEU A 156 25.31 40.13 16.57
CA LEU A 156 26.46 39.34 16.18
C LEU A 156 27.78 39.98 16.62
N GLU A 157 27.83 41.30 16.56
CA GLU A 157 29.08 42.04 16.74
C GLU A 157 30.07 41.56 15.69
N LEU A 158 29.55 41.27 14.50
CA LEU A 158 30.35 40.70 13.42
C LEU A 158 31.46 41.64 12.96
N ASN A 159 31.27 42.93 13.20
CA ASN A 159 32.28 43.92 12.84
C ASN A 159 33.56 43.72 13.65
N ARG A 160 33.44 43.15 14.84
CA ARG A 160 34.59 42.89 15.70
C ARG A 160 35.51 41.87 15.05
N SER A 161 34.95 41.03 14.20
CA SER A 161 35.70 39.97 13.54
C SER A 161 36.22 40.41 12.18
N GLU A 162 37.50 40.17 11.94
CA GLU A 162 38.12 40.51 10.65
C GLU A 162 37.91 39.39 9.64
N GLY A 163 37.45 38.24 10.14
CA GLY A 163 37.24 37.07 9.32
C GLY A 163 37.03 35.83 10.17
N ILE A 164 37.29 34.67 9.60
CA ILE A 164 37.09 33.42 10.33
C ILE A 164 38.24 33.13 11.29
N HIS A 165 39.44 33.58 10.93
CA HIS A 165 40.62 33.34 11.76
C HIS A 165 40.49 34.07 13.10
N ASP A 166 39.80 35.20 13.08
CA ASP A 166 39.47 35.90 14.32
C ASP A 166 38.00 35.65 14.67
N LEU A 167 37.78 34.84 15.68
CA LEU A 167 36.42 34.61 16.18
C LEU A 167 36.00 35.75 17.10
N GLY A 168 36.98 36.35 17.77
CA GLY A 168 36.72 37.40 18.71
C GLY A 168 36.20 36.84 20.02
N ALA A 169 35.93 37.73 20.97
CA ALA A 169 35.36 37.31 22.25
C ALA A 169 33.99 36.68 22.06
N ILE A 170 33.64 35.77 22.95
CA ILE A 170 32.32 35.13 22.93
C ILE A 170 31.26 36.10 23.41
N LYS A 171 30.11 36.11 22.74
CA LYS A 171 28.97 36.86 23.24
C LYS A 171 28.13 35.92 24.08
N TRP A 172 28.11 36.17 25.39
CA TRP A 172 27.46 35.27 26.32
C TRP A 172 25.95 35.51 26.34
N ASP A 173 25.53 36.67 25.88
CA ASP A 173 24.12 36.94 25.70
C ASP A 173 23.59 36.04 24.57
N MET A 174 24.48 35.74 23.63
CA MET A 174 24.15 34.86 22.53
C MET A 174 24.19 33.39 22.95
N ALA A 175 25.22 33.04 23.74
CA ALA A 175 25.40 31.66 24.20
C ALA A 175 24.25 31.22 25.09
N LEU A 176 23.66 32.18 25.81
CA LEU A 176 22.50 31.89 26.63
C LEU A 176 21.34 31.45 25.75
N CYS A 177 21.11 32.19 24.67
CA CYS A 177 20.07 31.84 23.71
C CYS A 177 20.34 30.48 23.10
N LEU A 178 21.61 30.19 22.82
CA LEU A 178 21.99 28.93 22.24
C LEU A 178 21.67 27.78 23.19
N LEU A 179 22.07 27.93 24.44
CA LEU A 179 21.81 26.91 25.46
C LEU A 179 20.31 26.78 25.72
N ILE A 180 19.61 27.91 25.76
CA ILE A 180 18.16 27.91 25.93
C ILE A 180 17.51 27.04 24.86
N VAL A 181 18.09 27.06 23.67
CA VAL A 181 17.60 26.23 22.57
C VAL A 181 17.84 24.75 22.86
N TYR A 182 19.07 24.42 23.25
CA TYR A 182 19.44 23.03 23.51
C TYR A 182 18.62 22.45 24.66
N LEU A 183 18.31 23.28 25.64
CA LEU A 183 17.46 22.87 26.74
C LEU A 183 16.08 22.49 26.21
N ILE A 184 15.59 23.26 25.25
CA ILE A 184 14.34 22.96 24.60
C ILE A 184 14.45 21.67 23.80
N CYS A 185 15.58 21.49 23.12
CA CYS A 185 15.81 20.30 22.30
C CYS A 185 15.96 19.05 23.17
N TYR A 186 16.78 19.16 24.19
CA TYR A 186 17.06 18.03 25.08
C TYR A 186 15.78 17.50 25.71
N PHE A 187 14.98 18.40 26.26
CA PHE A 187 13.76 17.98 26.95
C PHE A 187 12.67 17.57 25.96
N SER A 188 12.82 17.96 24.70
CA SER A 188 11.92 17.52 23.65
C SER A 188 12.32 16.12 23.16
N LEU A 189 13.62 15.90 23.02
CA LEU A 189 14.13 14.62 22.54
C LEU A 189 14.51 13.69 23.70
N TRP A 190 14.26 14.15 24.92
CA TRP A 190 14.65 13.44 26.14
C TRP A 190 14.23 11.98 26.14
N LYS A 191 12.93 11.73 26.19
CA LYS A 191 12.39 10.38 26.29
C LYS A 191 12.24 9.73 24.92
N GLY A 192 12.64 10.45 23.87
CA GLY A 192 12.51 9.95 22.52
C GLY A 192 11.29 10.47 21.80
N ILE A 193 10.90 9.79 20.73
CA ILE A 193 9.79 10.23 19.89
C ILE A 193 8.48 10.35 20.66
N SER A 194 8.39 9.62 21.77
CA SER A 194 7.20 9.69 22.62
C SER A 194 6.96 11.11 23.09
N THR A 195 8.01 11.74 23.60
CA THR A 195 7.97 13.15 23.96
C THR A 195 8.11 14.04 22.72
N SER A 196 9.00 13.64 21.82
CA SER A 196 9.27 14.39 20.60
C SER A 196 8.02 14.63 19.76
N GLY A 197 7.36 13.53 19.40
CA GLY A 197 6.15 13.60 18.58
C GLY A 197 5.05 14.43 19.22
N LYS A 198 5.10 14.54 20.55
CA LYS A 198 4.14 15.35 21.27
C LYS A 198 4.50 16.83 21.20
N VAL A 199 5.79 17.13 21.27
CA VAL A 199 6.26 18.51 21.27
C VAL A 199 6.05 19.19 19.93
N VAL A 200 6.20 18.43 18.85
CA VAL A 200 6.10 18.99 17.50
C VAL A 200 4.71 19.58 17.24
N TRP A 201 3.76 19.24 18.09
CA TRP A 201 2.41 19.77 17.98
C TRP A 201 2.42 21.30 18.09
N PHE A 202 3.35 21.83 18.88
CA PHE A 202 3.52 23.26 19.01
C PHE A 202 4.45 23.78 17.92
N THR A 203 5.69 23.33 17.97
CA THR A 203 6.74 23.80 17.06
C THR A 203 6.31 23.75 15.59
N ALA A 204 5.61 22.69 15.20
CA ALA A 204 5.17 22.54 13.83
C ALA A 204 3.91 23.36 13.53
N LEU A 205 2.97 23.38 14.46
CA LEU A 205 1.71 24.07 14.23
C LEU A 205 1.70 25.54 14.63
N PHE A 206 2.70 25.98 15.38
CA PHE A 206 2.73 27.36 15.83
C PHE A 206 2.94 28.33 14.66
N PRO A 207 3.95 28.07 13.81
CA PRO A 207 4.24 28.92 12.65
C PRO A 207 3.00 29.20 11.80
N TYR A 208 2.18 28.17 11.58
CA TYR A 208 0.98 28.35 10.77
C TYR A 208 0.02 29.33 11.45
N ALA A 209 0.01 29.30 12.78
CA ALA A 209 -0.76 30.28 13.54
C ALA A 209 -0.21 31.67 13.28
N VAL A 210 1.10 31.81 13.44
CA VAL A 210 1.77 33.08 13.22
C VAL A 210 1.69 33.51 11.76
N LEU A 211 1.89 32.57 10.85
CA LEU A 211 1.80 32.84 9.42
C LEU A 211 0.46 33.44 9.05
N LEU A 212 -0.61 32.91 9.65
CA LEU A 212 -1.95 33.45 9.41
C LEU A 212 -2.05 34.88 9.93
N ILE A 213 -1.56 35.08 11.14
CA ILE A 213 -1.57 36.41 11.76
C ILE A 213 -0.81 37.42 10.91
N LEU A 214 0.35 37.00 10.41
CA LEU A 214 1.18 37.88 9.59
C LEU A 214 0.64 37.99 8.17
N LEU A 215 0.08 36.90 7.66
CA LEU A 215 -0.53 36.92 6.34
C LEU A 215 -1.71 37.89 6.33
N ILE A 216 -2.52 37.82 7.38
CA ILE A 216 -3.61 38.76 7.56
C ILE A 216 -3.07 40.15 7.84
N ARG A 217 -1.95 40.20 8.56
CA ARG A 217 -1.32 41.47 8.91
C ARG A 217 -0.79 42.17 7.66
N GLY A 218 -0.11 41.40 6.82
CA GLY A 218 0.50 41.94 5.63
C GLY A 218 -0.50 42.40 4.58
N LEU A 219 -1.44 41.51 4.24
CA LEU A 219 -2.39 41.79 3.17
C LEU A 219 -3.25 43.01 3.47
N THR A 220 -3.36 43.35 4.74
CA THR A 220 -4.09 44.55 5.15
C THR A 220 -3.23 45.81 4.99
N LEU A 221 -1.93 45.63 4.92
CA LEU A 221 -0.99 46.75 4.80
C LEU A 221 -1.13 47.48 3.47
N PRO A 222 -0.90 48.80 3.48
CA PRO A 222 -0.89 49.58 2.24
C PRO A 222 0.20 49.12 1.29
N GLY A 223 -0.15 48.94 0.02
CA GLY A 223 0.81 48.48 -0.97
C GLY A 223 1.13 47.00 -0.85
N SER A 224 0.37 46.30 0.00
CA SER A 224 0.56 44.87 0.19
C SER A 224 0.36 44.10 -1.10
N PHE A 225 -0.61 44.56 -1.90
CA PHE A 225 -0.89 43.93 -3.19
C PHE A 225 0.30 44.05 -4.13
N LEU A 226 1.01 45.16 -4.03
CA LEU A 226 2.18 45.41 -4.89
C LEU A 226 3.26 44.35 -4.66
N GLY A 227 3.39 43.89 -3.43
CA GLY A 227 4.38 42.89 -3.08
C GLY A 227 4.11 41.56 -3.76
N ILE A 228 2.84 41.21 -3.86
CA ILE A 228 2.44 39.95 -4.50
C ILE A 228 2.76 40.00 -6.00
N GLN A 229 2.72 41.19 -6.58
CA GLN A 229 3.06 41.35 -7.99
C GLN A 229 4.53 41.02 -8.21
N TYR A 230 5.40 41.57 -7.37
CA TYR A 230 6.82 41.25 -7.41
C TYR A 230 7.02 39.78 -7.07
N TYR A 231 6.03 39.21 -6.39
CA TYR A 231 6.08 37.82 -5.97
C TYR A 231 5.65 36.87 -7.09
N LEU A 232 4.36 36.90 -7.43
CA LEU A 232 3.79 35.91 -8.33
C LEU A 232 3.65 36.30 -9.80
N THR A 233 4.04 37.53 -10.17
CA THR A 233 3.79 37.94 -11.55
C THR A 233 4.76 37.20 -12.46
N PRO A 234 4.20 36.30 -13.29
CA PRO A 234 5.00 35.36 -14.10
C PRO A 234 5.78 35.99 -15.24
N ASN A 235 7.05 35.63 -15.36
CA ASN A 235 7.80 35.74 -16.61
C ASN A 235 8.17 34.34 -17.04
N PHE A 236 7.55 33.85 -18.10
CA PHE A 236 7.78 32.48 -18.54
C PHE A 236 9.07 32.39 -19.33
N SER A 237 9.67 33.54 -19.60
CA SER A 237 11.00 33.61 -20.20
C SER A 237 12.00 32.81 -19.36
N ALA A 238 11.79 32.81 -18.05
CA ALA A 238 12.64 32.10 -17.12
C ALA A 238 12.53 30.59 -17.31
N ILE A 239 11.34 30.14 -17.72
CA ILE A 239 11.10 28.71 -17.94
C ILE A 239 12.13 28.13 -18.90
N TYR A 240 12.49 28.90 -19.92
CA TYR A 240 13.50 28.47 -20.88
C TYR A 240 14.89 28.58 -20.26
N LYS A 241 15.03 29.46 -19.28
CA LYS A 241 16.32 29.68 -18.61
C LYS A 241 16.74 28.44 -17.83
N ALA A 242 17.99 28.03 -18.03
CA ALA A 242 18.52 26.82 -17.41
C ALA A 242 18.73 27.01 -15.90
N GLU A 243 19.13 28.21 -15.51
CA GLU A 243 19.42 28.51 -14.10
C GLU A 243 18.17 28.43 -13.25
N VAL A 244 17.01 28.71 -13.84
CA VAL A 244 15.75 28.65 -13.12
C VAL A 244 15.35 27.22 -12.81
N TRP A 245 15.60 26.32 -13.76
CA TRP A 245 15.32 24.90 -13.55
C TRP A 245 16.29 24.31 -12.53
N VAL A 246 17.44 24.95 -12.37
CA VAL A 246 18.41 24.53 -11.37
C VAL A 246 17.97 24.97 -9.99
N ASP A 247 17.56 26.23 -9.86
CA ASP A 247 17.07 26.75 -8.60
C ASP A 247 15.84 25.98 -8.14
N ALA A 248 14.99 25.64 -9.10
CA ALA A 248 13.80 24.85 -8.81
C ALA A 248 14.20 23.48 -8.32
N ALA A 249 15.14 22.86 -9.02
CA ALA A 249 15.62 21.52 -8.67
C ALA A 249 16.32 21.54 -7.31
N THR A 250 17.17 22.54 -7.10
CA THR A 250 17.93 22.65 -5.86
C THR A 250 17.00 22.84 -4.68
N GLN A 251 16.13 23.84 -4.80
CA GLN A 251 15.20 24.19 -3.72
C GLN A 251 14.32 23.02 -3.32
N VAL A 252 13.68 22.39 -4.30
CA VAL A 252 12.81 21.25 -4.04
C VAL A 252 13.55 20.13 -3.33
N PHE A 253 14.83 19.97 -3.65
CA PHE A 253 15.64 18.94 -3.02
C PHE A 253 16.00 19.29 -1.58
N PHE A 254 16.48 20.52 -1.37
CA PHE A 254 16.91 20.93 -0.04
C PHE A 254 15.75 21.34 0.85
N SER A 255 14.60 21.67 0.25
CA SER A 255 13.42 22.02 1.03
C SER A 255 12.90 20.79 1.77
N LEU A 256 12.80 19.68 1.05
CA LEU A 256 12.52 18.38 1.65
C LEU A 256 13.80 17.91 2.34
N GLY A 257 13.68 16.98 3.29
CA GLY A 257 14.80 16.66 4.13
C GLY A 257 15.64 15.40 3.85
N PRO A 258 15.62 14.87 2.62
CA PRO A 258 16.34 13.61 2.43
C PRO A 258 17.85 13.77 2.57
N GLY A 259 18.52 12.71 2.99
CA GLY A 259 19.97 12.71 3.11
C GLY A 259 20.48 12.88 4.53
N PHE A 260 19.64 13.42 5.39
CA PHE A 260 20.01 13.61 6.79
C PHE A 260 19.68 12.38 7.62
N GLY A 261 18.96 11.45 7.01
CA GLY A 261 18.57 10.23 7.69
C GLY A 261 17.47 10.45 8.71
N VAL A 262 16.96 11.68 8.74
CA VAL A 262 15.89 12.03 9.66
C VAL A 262 14.59 11.34 9.26
N LEU A 263 14.22 11.49 8.00
CA LEU A 263 13.03 10.84 7.46
C LEU A 263 13.16 9.33 7.66
N LEU A 264 14.37 8.82 7.44
CA LEU A 264 14.66 7.42 7.65
C LEU A 264 14.37 7.05 9.09
N ALA A 265 14.83 7.90 10.02
CA ALA A 265 14.63 7.66 11.43
C ALA A 265 13.16 7.87 11.82
N TYR A 266 12.61 9.01 11.44
CA TYR A 266 11.24 9.37 11.81
C TYR A 266 10.22 8.35 11.33
N ALA A 267 10.23 8.06 10.03
CA ALA A 267 9.28 7.15 9.43
C ALA A 267 9.44 5.72 9.94
N SER A 268 10.64 5.39 10.42
CA SER A 268 10.92 4.05 10.92
C SER A 268 10.10 3.72 12.15
N TYR A 269 9.76 4.75 12.93
CA TYR A 269 8.97 4.56 14.14
C TYR A 269 7.50 4.33 13.82
N ASN A 270 7.14 4.48 12.55
CA ASN A 270 5.76 4.23 12.10
C ASN A 270 5.35 2.77 12.24
N LYS A 271 4.04 2.55 12.35
CA LYS A 271 3.51 1.21 12.22
C LYS A 271 3.88 0.66 10.85
N TYR A 272 4.16 -0.63 10.78
CA TYR A 272 4.65 -1.25 9.56
C TYR A 272 3.70 -1.03 8.38
N HIS A 273 2.40 -1.23 8.62
CA HIS A 273 1.42 -1.10 7.56
C HIS A 273 0.85 0.32 7.45
N ASN A 274 1.32 1.20 8.33
CA ASN A 274 0.94 2.61 8.23
C ASN A 274 1.27 3.09 6.84
N ASN A 275 0.33 3.79 6.21
CA ASN A 275 0.57 4.29 4.87
C ASN A 275 1.62 5.39 4.94
N VAL A 276 2.69 5.18 4.20
CA VAL A 276 3.77 6.15 4.09
C VAL A 276 3.47 7.07 2.92
N TYR A 277 3.34 6.47 1.74
CA TYR A 277 3.08 7.16 0.49
C TYR A 277 1.99 8.22 0.62
N LYS A 278 0.95 7.92 1.40
CA LYS A 278 -0.05 8.93 1.72
C LYS A 278 0.62 10.04 2.54
N ASP A 279 1.38 9.66 3.57
CA ASP A 279 2.08 10.62 4.42
C ASP A 279 3.17 11.34 3.63
N ALA A 280 3.76 10.64 2.66
CA ALA A 280 4.86 11.19 1.88
C ALA A 280 4.42 12.44 1.12
N LEU A 281 3.37 12.31 0.33
CA LEU A 281 2.91 13.43 -0.49
C LEU A 281 2.09 14.43 0.31
N LEU A 282 1.46 13.98 1.38
CA LEU A 282 0.73 14.89 2.27
C LEU A 282 1.71 15.82 2.96
N THR A 283 2.78 15.25 3.50
CA THR A 283 3.84 16.01 4.14
C THR A 283 4.50 16.95 3.14
N SER A 284 4.83 16.40 1.97
CA SER A 284 5.46 17.19 0.91
C SER A 284 4.60 18.38 0.51
N PHE A 285 3.32 18.13 0.27
CA PHE A 285 2.41 19.20 -0.12
C PHE A 285 2.33 20.28 0.94
N ILE A 286 2.16 19.88 2.19
CA ILE A 286 2.09 20.83 3.30
C ILE A 286 3.35 21.67 3.39
N ASN A 287 4.48 21.04 3.12
CA ASN A 287 5.76 21.74 3.12
C ASN A 287 5.82 22.84 2.06
N SER A 288 5.56 22.45 0.82
CA SER A 288 5.56 23.41 -0.28
C SER A 288 4.45 24.44 -0.11
N ALA A 289 3.28 23.98 0.31
CA ALA A 289 2.15 24.86 0.54
C ALA A 289 2.48 25.90 1.60
N THR A 290 3.29 25.49 2.58
CA THR A 290 3.70 26.37 3.67
C THR A 290 4.54 27.52 3.15
N SER A 291 5.55 27.20 2.34
CA SER A 291 6.41 28.20 1.74
C SER A 291 5.60 29.15 0.86
N PHE A 292 4.74 28.58 0.04
CA PHE A 292 3.86 29.35 -0.84
C PHE A 292 3.06 30.34 -0.02
N ILE A 293 2.47 29.86 1.07
CA ILE A 293 1.72 30.72 1.98
C ILE A 293 2.65 31.73 2.64
N ALA A 294 3.81 31.26 3.09
CA ALA A 294 4.79 32.13 3.73
C ALA A 294 5.30 33.18 2.74
N GLY A 295 5.33 32.82 1.46
CA GLY A 295 5.74 33.74 0.41
C GLY A 295 4.91 35.00 0.45
N PHE A 296 3.61 34.83 0.62
CA PHE A 296 2.71 35.97 0.75
C PHE A 296 3.01 36.75 2.02
N VAL A 297 3.34 36.04 3.09
CA VAL A 297 3.65 36.67 4.37
C VAL A 297 4.85 37.59 4.26
N ILE A 298 5.81 37.20 3.43
CA ILE A 298 7.02 37.99 3.23
C ILE A 298 6.77 39.19 2.31
N PHE A 299 6.44 38.90 1.05
CA PHE A 299 6.31 39.94 0.05
C PHE A 299 5.13 40.88 0.28
N SER A 300 4.25 40.51 1.20
CA SER A 300 3.15 41.41 1.56
C SER A 300 3.73 42.57 2.35
N VAL A 301 4.73 42.28 3.17
CA VAL A 301 5.41 43.30 3.96
C VAL A 301 6.39 44.09 3.09
N LEU A 302 6.91 43.44 2.06
CA LEU A 302 7.86 44.08 1.16
C LEU A 302 7.18 45.14 0.28
N GLY A 303 6.04 44.77 -0.29
CA GLY A 303 5.26 45.70 -1.08
C GLY A 303 4.87 46.91 -0.24
N TYR A 304 4.65 46.65 1.04
CA TYR A 304 4.36 47.69 2.01
C TYR A 304 5.55 48.66 2.13
N MET A 305 6.74 48.09 2.25
CA MET A 305 7.95 48.90 2.38
C MET A 305 8.22 49.70 1.12
N ALA A 306 8.13 49.07 -0.04
CA ALA A 306 8.37 49.73 -1.32
C ALA A 306 7.36 50.84 -1.55
N HIS A 307 6.20 50.74 -0.90
CA HIS A 307 5.16 51.73 -1.01
C HIS A 307 5.29 52.79 0.09
N THR A 308 5.12 52.36 1.34
CA THR A 308 5.12 53.28 2.46
C THR A 308 6.52 53.73 2.85
N LEU A 309 7.49 52.83 2.80
CA LEU A 309 8.83 53.11 3.33
C LEU A 309 9.80 53.62 2.26
N GLY A 310 9.35 53.66 1.01
CA GLY A 310 10.17 54.18 -0.07
C GLY A 310 11.50 53.46 -0.24
N VAL A 311 11.43 52.14 -0.38
CA VAL A 311 12.64 51.32 -0.53
C VAL A 311 12.57 50.49 -1.81
N ARG A 312 13.70 50.42 -2.53
CA ARG A 312 13.78 49.63 -3.75
C ARG A 312 13.47 48.17 -3.44
N ILE A 313 12.58 47.57 -4.23
CA ILE A 313 12.12 46.21 -3.98
C ILE A 313 13.27 45.20 -4.03
N GLU A 314 14.22 45.43 -4.93
CA GLU A 314 15.36 44.53 -5.06
C GLU A 314 16.28 44.60 -3.85
N ASP A 315 16.22 45.72 -3.13
CA ASP A 315 17.04 45.92 -1.94
C ASP A 315 16.47 45.16 -0.74
N VAL A 316 15.15 45.19 -0.60
CA VAL A 316 14.47 44.56 0.53
C VAL A 316 14.33 43.05 0.35
N ALA A 317 14.05 42.62 -0.88
CA ALA A 317 13.83 41.20 -1.12
C ALA A 317 15.18 40.49 -1.21
N THR A 318 15.40 39.56 -0.30
CA THR A 318 16.68 38.89 -0.16
C THR A 318 16.52 37.51 0.45
N GLU A 319 17.47 36.63 0.18
CA GLU A 319 17.43 35.28 0.73
C GLU A 319 18.21 35.22 2.03
N GLY A 320 18.26 34.05 2.63
CA GLY A 320 19.02 33.82 3.84
C GLY A 320 18.49 34.59 5.03
N PRO A 321 19.21 34.53 6.15
CA PRO A 321 18.83 35.16 7.42
C PRO A 321 18.66 36.67 7.30
N GLY A 322 19.24 37.26 6.26
CA GLY A 322 19.13 38.69 6.03
C GLY A 322 17.68 39.15 5.98
N LEU A 323 16.82 38.30 5.43
CA LEU A 323 15.41 38.61 5.29
C LEU A 323 14.69 38.59 6.63
N VAL A 324 14.93 37.54 7.41
CA VAL A 324 14.22 37.33 8.67
C VAL A 324 14.74 38.21 9.79
N PHE A 325 16.05 38.36 9.89
CA PHE A 325 16.65 39.10 11.00
C PHE A 325 16.89 40.57 10.71
N VAL A 326 16.71 40.99 9.46
CA VAL A 326 16.93 42.39 9.12
C VAL A 326 15.76 43.00 8.34
N VAL A 327 15.56 42.53 7.12
CA VAL A 327 14.56 43.12 6.22
C VAL A 327 13.15 43.14 6.81
N TYR A 328 12.67 41.98 7.27
CA TYR A 328 11.31 41.87 7.76
C TYR A 328 11.07 42.67 9.03
N PRO A 329 11.92 42.49 10.05
CA PRO A 329 11.77 43.24 11.30
C PRO A 329 11.81 44.75 11.08
N ALA A 330 12.53 45.19 10.04
CA ALA A 330 12.64 46.60 9.72
C ALA A 330 11.26 47.18 9.38
N ALA A 331 10.44 46.38 8.72
CA ALA A 331 9.10 46.79 8.35
C ALA A 331 8.13 46.67 9.53
N ILE A 332 8.35 45.67 10.37
CA ILE A 332 7.53 45.47 11.55
C ILE A 332 7.58 46.67 12.47
N ALA A 333 8.78 47.22 12.65
CA ALA A 333 8.97 48.38 13.52
C ALA A 333 8.16 49.57 13.03
N THR A 334 7.93 49.63 11.71
CA THR A 334 7.14 50.70 11.13
C THR A 334 5.66 50.46 11.35
N MET A 335 5.29 49.19 11.52
CA MET A 335 3.90 48.80 11.71
C MET A 335 3.39 49.13 13.11
N PRO A 336 2.09 49.45 13.22
CA PRO A 336 1.45 49.63 14.52
C PRO A 336 1.37 48.30 15.26
N ALA A 337 1.54 48.34 16.58
CA ALA A 337 1.60 47.12 17.38
C ALA A 337 2.78 46.26 16.93
N SER A 338 3.89 46.92 16.64
CA SER A 338 5.09 46.26 16.15
C SER A 338 5.58 45.15 17.07
N THR A 339 5.57 45.42 18.37
CA THR A 339 6.06 44.47 19.36
C THR A 339 5.36 43.13 19.27
N PHE A 340 4.07 43.16 18.93
CA PHE A 340 3.30 41.94 18.79
C PHE A 340 3.81 41.09 17.62
N TRP A 341 3.87 41.70 16.45
CA TRP A 341 4.31 41.00 15.25
C TRP A 341 5.75 40.51 15.42
N ALA A 342 6.58 41.33 16.05
CA ALA A 342 7.97 40.98 16.32
C ALA A 342 8.05 39.74 17.20
N LEU A 343 7.42 39.81 18.37
CA LEU A 343 7.44 38.72 19.33
C LEU A 343 7.00 37.40 18.71
N ILE A 344 5.87 37.42 18.00
CA ILE A 344 5.33 36.21 17.40
C ILE A 344 6.18 35.77 16.21
N PHE A 345 6.75 36.72 15.50
CA PHE A 345 7.57 36.43 14.32
C PHE A 345 8.83 35.66 14.71
N PHE A 346 9.56 36.20 15.69
CA PHE A 346 10.80 35.57 16.12
C PHE A 346 10.52 34.26 16.84
N MET A 347 9.38 34.19 17.54
CA MET A 347 8.96 32.94 18.15
C MET A 347 8.68 31.92 17.06
N MET A 348 8.20 32.40 15.92
CA MET A 348 7.93 31.56 14.77
C MET A 348 9.23 31.01 14.18
N LEU A 349 10.24 31.86 14.11
CA LEU A 349 11.54 31.45 13.58
C LEU A 349 12.15 30.34 14.43
N ALA A 350 12.02 30.48 15.74
CA ALA A 350 12.50 29.46 16.66
C ALA A 350 11.71 28.17 16.47
N THR A 351 10.38 28.29 16.46
CA THR A 351 9.51 27.14 16.26
C THR A 351 9.72 26.52 14.89
N LEU A 352 10.22 27.31 13.95
CA LEU A 352 10.50 26.81 12.61
C LEU A 352 11.82 26.05 12.58
N GLY A 353 12.75 26.44 13.46
CA GLY A 353 14.01 25.75 13.55
C GLY A 353 14.04 24.61 14.55
N LEU A 354 13.14 24.68 15.54
CA LEU A 354 13.14 23.71 16.63
C LEU A 354 12.75 22.30 16.18
N ASP A 355 11.58 22.17 15.57
CA ASP A 355 11.09 20.86 15.14
C ASP A 355 11.97 20.28 14.04
N SER A 356 12.73 21.15 13.38
CA SER A 356 13.70 20.72 12.38
C SER A 356 14.90 20.07 13.05
N SER A 357 15.45 20.75 14.06
CA SER A 357 16.62 20.25 14.77
C SER A 357 16.27 18.96 15.52
N PHE A 358 15.01 18.84 15.93
CA PHE A 358 14.53 17.64 16.58
C PHE A 358 14.77 16.44 15.69
N GLY A 359 14.33 16.55 14.43
CA GLY A 359 14.50 15.50 13.46
C GLY A 359 15.97 15.20 13.23
N GLY A 360 16.75 16.24 13.01
CA GLY A 360 18.17 16.11 12.74
C GLY A 360 18.88 15.35 13.85
N SER A 361 18.71 15.81 15.09
CA SER A 361 19.32 15.16 16.23
C SER A 361 18.75 13.76 16.41
N GLU A 362 17.46 13.62 16.12
CA GLU A 362 16.79 12.33 16.23
C GLU A 362 17.45 11.31 15.31
N ALA A 363 17.86 11.78 14.13
CA ALA A 363 18.50 10.91 13.14
C ALA A 363 19.80 10.34 13.68
N ILE A 364 20.55 11.15 14.42
CA ILE A 364 21.78 10.70 15.05
C ILE A 364 21.48 9.70 16.15
N ILE A 365 20.59 10.07 17.06
CA ILE A 365 20.22 9.22 18.19
C ILE A 365 19.66 7.89 17.71
N THR A 366 18.61 7.96 16.90
CA THR A 366 17.95 6.76 16.39
C THR A 366 18.92 5.86 15.65
N ALA A 367 19.75 6.46 14.80
CA ALA A 367 20.71 5.71 14.01
C ALA A 367 21.71 5.00 14.92
N LEU A 368 22.14 5.70 15.96
CA LEU A 368 23.07 5.13 16.92
C LEU A 368 22.37 4.20 17.89
N SER A 369 21.15 4.56 18.27
CA SER A 369 20.36 3.76 19.20
C SER A 369 20.16 2.33 18.66
N ASP A 370 19.91 2.23 17.37
CA ASP A 370 19.70 0.93 16.73
C ASP A 370 21.02 0.21 16.48
N GLU A 371 22.06 0.97 16.19
CA GLU A 371 23.38 0.40 15.96
C GLU A 371 24.05 -0.01 17.28
N PHE A 372 23.96 0.85 18.28
CA PHE A 372 24.61 0.60 19.56
C PHE A 372 23.58 0.47 20.68
N PRO A 373 23.50 -0.73 21.27
CA PRO A 373 22.53 -1.01 22.34
C PRO A 373 22.88 -0.24 23.61
N LYS A 374 24.16 0.10 23.75
CA LYS A 374 24.64 0.80 24.93
C LYS A 374 23.95 2.15 25.09
N ILE A 375 24.07 3.01 24.08
CA ILE A 375 23.49 4.35 24.13
C ILE A 375 21.97 4.32 23.98
N LYS A 376 21.45 3.20 23.48
CA LYS A 376 20.01 3.01 23.36
C LYS A 376 19.37 2.93 24.75
N ARG A 377 19.96 2.11 25.61
CA ARG A 377 19.52 2.01 27.00
C ARG A 377 20.16 3.13 27.81
N ASN A 378 21.13 3.79 27.21
CA ASN A 378 21.87 4.86 27.84
C ASN A 378 21.27 6.24 27.57
N ARG A 379 20.11 6.33 26.92
CA ARG A 379 19.74 7.59 26.32
C ARG A 379 19.39 8.61 27.40
N GLU A 380 19.20 9.84 26.93
CA GLU A 380 19.03 11.02 27.75
C GLU A 380 20.35 11.39 28.42
N LEU A 381 21.23 10.40 28.55
CA LEU A 381 22.63 10.63 28.87
C LEU A 381 23.43 10.87 27.62
N PHE A 382 22.91 10.37 26.51
CA PHE A 382 23.58 10.48 25.22
C PHE A 382 23.35 11.85 24.61
N VAL A 383 22.10 12.28 24.63
CA VAL A 383 21.72 13.58 24.10
C VAL A 383 22.44 14.67 24.89
N ALA A 384 22.63 14.43 26.17
CA ALA A 384 23.44 15.31 26.99
C ALA A 384 24.89 15.26 26.51
N GLY A 385 25.45 14.05 26.44
CA GLY A 385 26.80 13.86 25.96
C GLY A 385 26.96 14.32 24.52
N LEU A 386 25.82 14.46 23.83
CA LEU A 386 25.80 14.97 22.46
C LEU A 386 25.69 16.49 22.45
N PHE A 387 24.57 16.99 22.95
CA PHE A 387 24.29 18.43 22.98
C PHE A 387 25.37 19.19 23.74
N SER A 388 25.99 18.54 24.71
CA SER A 388 27.10 19.14 25.43
C SER A 388 28.25 19.38 24.47
N LEU A 389 28.46 18.43 23.57
CA LEU A 389 29.46 18.57 22.52
C LEU A 389 29.08 19.74 21.62
N TYR A 390 27.79 19.85 21.31
CA TYR A 390 27.29 20.92 20.46
C TYR A 390 27.53 22.30 21.08
N PHE A 391 27.02 22.50 22.29
CA PHE A 391 27.07 23.80 22.93
C PHE A 391 28.50 24.26 23.16
N VAL A 392 29.37 23.34 23.55
CA VAL A 392 30.78 23.65 23.75
C VAL A 392 31.38 24.19 22.45
N VAL A 393 31.14 23.48 21.36
CA VAL A 393 31.58 23.94 20.05
C VAL A 393 30.65 25.05 19.57
N GLY A 394 29.45 25.08 20.13
CA GLY A 394 28.45 26.08 19.77
C GLY A 394 28.87 27.48 20.19
N LEU A 395 29.78 27.56 21.15
CA LEU A 395 30.29 28.84 21.61
C LEU A 395 31.05 29.54 20.49
N ALA A 396 31.54 28.75 19.54
CA ALA A 396 32.24 29.28 18.39
C ALA A 396 31.30 30.13 17.54
N SER A 397 30.02 29.76 17.55
CA SER A 397 29.00 30.49 16.81
C SER A 397 28.39 31.61 17.66
N CYS A 398 28.74 31.63 18.93
CA CYS A 398 28.29 32.69 19.84
C CYS A 398 29.32 33.79 19.92
N THR A 399 30.42 33.64 19.19
CA THR A 399 31.47 34.64 19.17
C THR A 399 31.08 35.83 18.33
N GLN A 400 31.96 36.82 18.26
CA GLN A 400 31.72 38.02 17.46
C GLN A 400 31.85 37.71 15.99
N GLY A 401 32.69 36.73 15.67
CA GLY A 401 32.84 36.26 14.31
C GLY A 401 31.88 35.13 14.02
N GLY A 402 30.80 35.07 14.80
CA GLY A 402 29.84 33.98 14.75
C GLY A 402 29.28 33.65 13.37
N PHE A 403 28.78 34.67 12.67
CA PHE A 403 28.16 34.43 11.37
C PHE A 403 29.19 33.87 10.38
N TYR A 404 30.44 34.29 10.53
CA TYR A 404 31.51 33.81 9.68
C TYR A 404 31.71 32.31 9.84
N PHE A 405 31.52 31.82 11.05
CA PHE A 405 31.58 30.38 11.31
C PHE A 405 30.32 29.70 10.81
N PHE A 406 29.19 30.37 11.02
CA PHE A 406 27.90 29.88 10.55
C PHE A 406 27.91 29.68 9.04
N HIS A 407 28.23 30.75 8.31
CA HIS A 407 28.19 30.74 6.85
C HIS A 407 29.12 29.70 6.25
N LEU A 408 30.16 29.31 6.98
CA LEU A 408 31.10 28.31 6.51
C LEU A 408 30.44 26.93 6.48
N LEU A 409 29.86 26.53 7.60
CA LEU A 409 29.19 25.24 7.68
C LEU A 409 27.94 25.23 6.81
N ASP A 410 27.31 26.38 6.67
CA ASP A 410 26.09 26.50 5.88
C ASP A 410 26.33 26.08 4.42
N ARG A 411 27.49 26.44 3.89
CA ARG A 411 27.82 26.14 2.50
C ARG A 411 28.57 24.82 2.34
N TYR A 412 28.89 24.18 3.46
CA TYR A 412 29.74 22.99 3.46
C TYR A 412 29.07 21.83 4.19
N ALA A 413 28.76 22.03 5.47
CA ALA A 413 28.27 20.98 6.36
C ALA A 413 27.22 20.09 5.70
N ALA A 414 26.07 20.64 5.34
CA ALA A 414 25.24 19.91 4.38
C ALA A 414 25.50 20.53 3.02
N GLY A 415 26.29 19.80 2.24
CA GLY A 415 26.84 20.25 0.98
C GLY A 415 26.28 19.51 -0.19
N TYR A 416 27.14 19.45 -1.20
CA TYR A 416 27.13 18.35 -2.15
C TYR A 416 27.27 17.04 -1.37
N SER A 417 27.72 17.16 -0.13
CA SER A 417 27.81 16.04 0.80
C SER A 417 26.52 15.24 0.84
N ILE A 418 25.40 15.94 0.93
CA ILE A 418 24.10 15.28 0.95
C ILE A 418 23.69 14.85 -0.47
N LEU A 419 24.12 15.62 -1.47
CA LEU A 419 23.81 15.30 -2.85
C LEU A 419 24.37 13.94 -3.26
N VAL A 420 25.66 13.75 -3.02
CA VAL A 420 26.32 12.49 -3.35
C VAL A 420 25.87 11.38 -2.41
N ALA A 421 25.44 11.78 -1.21
CA ALA A 421 24.92 10.82 -0.25
C ALA A 421 23.57 10.29 -0.73
N VAL A 422 22.66 11.20 -1.05
CA VAL A 422 21.34 10.82 -1.52
C VAL A 422 21.44 10.17 -2.90
N PHE A 423 22.39 10.62 -3.71
CA PHE A 423 22.62 10.01 -5.01
C PHE A 423 22.95 8.54 -4.84
N PHE A 424 23.87 8.25 -3.91
CA PHE A 424 24.21 6.89 -3.59
C PHE A 424 23.05 6.21 -2.87
N GLU A 425 22.20 7.01 -2.23
CA GLU A 425 20.97 6.48 -1.65
C GLU A 425 20.05 5.99 -2.74
N ALA A 426 19.81 6.85 -3.73
CA ALA A 426 18.92 6.51 -4.84
C ALA A 426 19.50 5.36 -5.67
N ILE A 427 20.81 5.37 -5.87
CA ILE A 427 21.47 4.35 -6.68
C ILE A 427 21.52 3.01 -5.95
N ALA A 428 21.80 3.05 -4.66
CA ALA A 428 21.87 1.83 -3.86
C ALA A 428 20.49 1.17 -3.75
N VAL A 429 19.46 2.00 -3.65
CA VAL A 429 18.09 1.51 -3.50
C VAL A 429 17.49 1.03 -4.83
N SER A 430 17.69 1.81 -5.88
CA SER A 430 17.06 1.54 -7.16
C SER A 430 17.76 0.45 -7.95
N TRP A 431 19.09 0.47 -7.94
CA TRP A 431 19.87 -0.50 -8.71
CA TRP A 431 19.88 -0.49 -8.70
C TRP A 431 20.44 -1.61 -7.82
N ILE A 432 21.29 -1.24 -6.88
CA ILE A 432 21.92 -2.23 -5.99
C ILE A 432 20.91 -3.10 -5.27
N TYR A 433 19.98 -2.47 -4.55
CA TYR A 433 18.92 -3.20 -3.85
C TYR A 433 17.85 -3.65 -4.84
N GLY A 434 17.59 -2.79 -5.82
CA GLY A 434 16.65 -3.10 -6.88
C GLY A 434 15.28 -2.49 -6.64
N THR A 435 14.60 -2.11 -7.72
CA THR A 435 13.27 -1.56 -7.63
C THR A 435 12.25 -2.68 -7.47
N ASN A 436 12.56 -3.83 -8.04
CA ASN A 436 11.72 -5.02 -7.91
C ASN A 436 11.51 -5.39 -6.45
N ARG A 437 12.58 -5.29 -5.66
CA ARG A 437 12.51 -5.63 -4.25
C ARG A 437 11.86 -4.50 -3.45
N PHE A 438 12.11 -3.25 -3.86
CA PHE A 438 11.61 -2.09 -3.14
C PHE A 438 10.10 -1.95 -3.26
N SER A 439 9.58 -1.97 -4.48
CA SER A 439 8.15 -1.90 -4.71
C SER A 439 7.46 -3.08 -4.03
N GLU A 440 8.16 -4.20 -3.98
CA GLU A 440 7.67 -5.40 -3.29
C GLU A 440 7.52 -5.13 -1.80
N ASP A 441 8.44 -4.34 -1.25
CA ASP A 441 8.42 -4.02 0.17
C ASP A 441 7.23 -3.14 0.53
N ILE A 442 7.01 -2.10 -0.27
CA ILE A 442 5.93 -1.15 -0.01
C ILE A 442 4.56 -1.81 -0.12
N ARG A 443 4.39 -2.66 -1.15
CA ARG A 443 3.17 -3.40 -1.34
C ARG A 443 2.85 -4.20 -0.08
N ASP A 444 3.88 -4.70 0.58
CA ASP A 444 3.70 -5.48 1.79
C ASP A 444 3.42 -4.57 2.98
N MET A 445 3.63 -3.27 2.80
CA MET A 445 3.36 -2.30 3.85
C MET A 445 2.02 -1.61 3.64
N ILE A 446 1.94 -0.79 2.61
CA ILE A 446 0.74 -0.02 2.34
C ILE A 446 -0.31 -0.85 1.62
N GLY A 447 0.09 -2.01 1.11
CA GLY A 447 -0.84 -2.92 0.47
C GLY A 447 -0.75 -2.93 -1.05
N PHE A 448 -0.15 -1.89 -1.61
CA PHE A 448 -0.04 -1.79 -3.06
C PHE A 448 1.34 -1.30 -3.47
N PRO A 449 1.86 -1.81 -4.60
CA PRO A 449 3.17 -1.41 -5.09
C PRO A 449 3.16 0.01 -5.63
N PRO A 450 4.28 0.72 -5.53
CA PRO A 450 4.39 2.08 -6.07
C PRO A 450 4.13 2.08 -7.57
N GLY A 451 3.47 3.13 -8.06
CA GLY A 451 3.15 3.24 -9.47
C GLY A 451 4.39 3.23 -10.34
N ARG A 452 4.23 2.94 -11.62
CA ARG A 452 5.35 2.91 -12.55
C ARG A 452 6.10 4.24 -12.51
N TYR A 453 5.37 5.32 -12.23
CA TYR A 453 5.94 6.65 -12.11
C TYR A 453 7.07 6.68 -11.07
N TRP A 454 6.74 6.27 -9.85
CA TRP A 454 7.68 6.32 -8.74
C TRP A 454 8.95 5.52 -9.00
N GLN A 455 8.77 4.32 -9.55
CA GLN A 455 9.92 3.45 -9.83
C GLN A 455 10.87 4.10 -10.81
N VAL A 456 10.32 4.75 -11.84
CA VAL A 456 11.13 5.40 -12.86
C VAL A 456 11.99 6.51 -12.27
N CYS A 457 11.37 7.35 -11.45
CA CYS A 457 12.06 8.50 -10.85
C CYS A 457 13.22 8.05 -9.97
N TRP A 458 13.00 7.01 -9.19
CA TRP A 458 14.04 6.47 -8.32
C TRP A 458 15.22 5.93 -9.13
N ARG A 459 14.92 5.25 -10.23
CA ARG A 459 15.94 4.61 -11.04
C ARG A 459 16.68 5.60 -11.96
N PHE A 460 15.93 6.51 -12.57
CA PHE A 460 16.49 7.39 -13.60
C PHE A 460 16.45 8.86 -13.21
N VAL A 461 15.22 9.39 -13.08
CA VAL A 461 15.01 10.81 -12.82
C VAL A 461 15.81 11.35 -11.64
N ALA A 462 15.71 10.65 -10.50
CA ALA A 462 16.38 11.07 -9.28
C ALA A 462 17.90 11.22 -9.46
N PRO A 463 18.56 10.15 -9.92
CA PRO A 463 20.01 10.19 -10.11
C PRO A 463 20.49 11.34 -11.00
N ILE A 464 19.80 11.55 -12.13
CA ILE A 464 20.17 12.64 -13.02
C ILE A 464 19.75 13.97 -12.39
N PHE A 465 18.63 13.93 -11.65
CA PHE A 465 18.14 15.10 -10.93
C PHE A 465 19.19 15.62 -9.96
N LEU A 466 19.66 14.74 -9.09
CA LEU A 466 20.75 15.08 -8.17
C LEU A 466 21.98 15.46 -8.96
N LEU A 467 22.24 14.71 -10.03
CA LEU A 467 23.37 14.97 -10.89
C LEU A 467 23.21 16.33 -11.56
N PHE A 468 21.98 16.63 -11.97
CA PHE A 468 21.67 17.91 -12.61
C PHE A 468 21.97 19.07 -11.67
N ILE A 469 21.71 18.86 -10.39
CA ILE A 469 22.01 19.87 -9.38
C ILE A 469 23.49 19.86 -9.01
N THR A 470 24.07 18.67 -8.87
CA THR A 470 25.46 18.54 -8.45
C THR A 470 26.41 19.09 -9.50
N VAL A 471 26.07 18.86 -10.77
CA VAL A 471 26.88 19.37 -11.87
C VAL A 471 26.80 20.89 -11.95
N TYR A 472 25.57 21.41 -11.99
CA TYR A 472 25.35 22.85 -12.06
C TYR A 472 25.85 23.54 -10.79
N GLY A 473 26.03 22.77 -9.73
CA GLY A 473 26.57 23.30 -8.50
C GLY A 473 28.05 23.59 -8.65
N LEU A 474 28.77 22.65 -9.25
CA LEU A 474 30.21 22.78 -9.44
C LEU A 474 30.54 23.69 -10.61
N ILE A 475 29.55 23.95 -11.46
CA ILE A 475 29.74 24.79 -12.63
C ILE A 475 29.76 26.25 -12.24
N GLY A 476 29.01 26.59 -11.20
CA GLY A 476 28.96 27.95 -10.70
C GLY A 476 29.72 28.15 -9.41
N TYR A 477 30.61 27.20 -9.09
CA TYR A 477 31.33 27.22 -7.83
C TYR A 477 32.27 28.42 -7.70
N GLU A 478 32.30 28.98 -6.50
CA GLU A 478 33.23 30.06 -6.16
C GLU A 478 33.71 29.87 -4.72
N PRO A 479 34.98 30.22 -4.45
CA PRO A 479 35.49 30.21 -3.08
C PRO A 479 34.55 30.95 -2.12
N LEU A 480 34.40 30.43 -0.91
CA LEU A 480 33.44 30.97 0.04
C LEU A 480 33.69 32.45 0.36
N THR A 481 32.65 33.25 0.23
CA THR A 481 32.75 34.68 0.48
C THR A 481 31.47 35.22 1.10
N TYR A 482 31.63 36.14 2.06
CA TYR A 482 30.49 36.83 2.64
C TYR A 482 30.77 38.33 2.72
N ALA A 483 29.85 39.12 2.16
CA ALA A 483 30.03 40.56 2.07
C ALA A 483 31.33 40.87 1.32
N ASP A 484 32.18 41.68 1.93
CA ASP A 484 33.49 42.00 1.35
C ASP A 484 34.54 41.00 1.79
N TYR A 485 34.19 40.15 2.75
CA TYR A 485 35.15 39.20 3.29
C TYR A 485 35.19 37.90 2.48
N VAL A 486 36.36 37.59 1.94
CA VAL A 486 36.56 36.33 1.23
C VAL A 486 37.31 35.36 2.12
N TYR A 487 36.75 34.16 2.28
CA TYR A 487 37.38 33.14 3.10
C TYR A 487 38.71 32.70 2.50
N PRO A 488 39.71 32.48 3.36
CA PRO A 488 41.05 32.02 2.95
C PRO A 488 41.01 30.62 2.35
N SER A 489 42.04 30.26 1.59
CA SER A 489 42.10 28.97 0.93
C SER A 489 42.07 27.81 1.92
N TRP A 490 42.56 28.07 3.14
CA TRP A 490 42.58 27.04 4.16
C TRP A 490 41.19 26.80 4.74
N ALA A 491 40.40 27.88 4.81
CA ALA A 491 39.04 27.79 5.32
C ALA A 491 38.17 26.93 4.42
N ASN A 492 38.31 27.12 3.12
CA ASN A 492 37.57 26.31 2.14
C ASN A 492 37.98 24.85 2.21
N ALA A 493 39.28 24.61 2.36
CA ALA A 493 39.80 23.25 2.45
C ALA A 493 39.20 22.49 3.61
N LEU A 494 38.91 23.22 4.70
CA LEU A 494 38.30 22.61 5.88
C LEU A 494 36.83 22.30 5.61
N GLY A 495 36.16 23.18 4.86
CA GLY A 495 34.77 22.98 4.50
C GLY A 495 34.60 21.72 3.67
N TRP A 496 35.49 21.54 2.69
CA TRP A 496 35.47 20.35 1.85
C TRP A 496 35.83 19.12 2.68
N CYS A 497 36.75 19.31 3.62
CA CYS A 497 37.11 18.25 4.55
C CYS A 497 35.88 17.76 5.29
N ILE A 498 35.03 18.70 5.68
CA ILE A 498 33.76 18.38 6.35
C ILE A 498 32.83 17.65 5.39
N ALA A 499 32.79 18.12 4.16
CA ALA A 499 31.94 17.52 3.12
C ALA A 499 32.39 16.10 2.81
N GLY A 500 33.69 15.93 2.65
CA GLY A 500 34.24 14.62 2.36
C GLY A 500 34.12 13.68 3.55
N SER A 501 34.25 14.24 4.74
CA SER A 501 34.21 13.46 5.98
C SER A 501 33.00 12.56 6.06
N SER A 502 31.88 13.04 5.51
CA SER A 502 30.65 12.26 5.46
C SER A 502 30.74 11.21 4.36
N VAL A 503 30.80 11.70 3.13
CA VAL A 503 30.76 10.85 1.94
C VAL A 503 31.93 9.87 1.88
N VAL A 504 33.06 10.24 2.47
CA VAL A 504 34.24 9.37 2.47
C VAL A 504 33.93 8.05 3.15
N MET A 505 32.97 8.07 4.06
CA MET A 505 32.55 6.87 4.77
C MET A 505 32.00 5.82 3.83
N ILE A 506 31.25 6.25 2.83
CA ILE A 506 30.60 5.35 1.88
C ILE A 506 31.60 4.37 1.25
N PRO A 507 32.63 4.92 0.57
CA PRO A 507 33.70 4.04 0.06
C PRO A 507 34.50 3.41 1.19
N ALA A 508 34.76 4.19 2.24
CA ALA A 508 35.53 3.72 3.38
C ALA A 508 34.86 2.53 4.06
N VAL A 509 33.59 2.71 4.42
CA VAL A 509 32.82 1.64 5.01
C VAL A 509 32.63 0.49 4.01
N ALA A 510 32.76 0.82 2.72
CA ALA A 510 32.68 -0.18 1.67
C ALA A 510 33.92 -1.06 1.67
N ILE A 511 35.08 -0.43 1.80
CA ILE A 511 36.35 -1.16 1.86
C ILE A 511 36.46 -1.91 3.18
N PHE A 512 36.04 -1.25 4.26
CA PHE A 512 36.05 -1.85 5.59
C PHE A 512 35.20 -3.10 5.60
N LYS A 513 34.07 -3.05 4.91
CA LYS A 513 33.17 -4.19 4.81
C LYS A 513 33.72 -5.25 3.87
N LEU A 514 34.34 -4.81 2.79
CA LEU A 514 34.97 -5.72 1.82
C LEU A 514 36.13 -6.48 2.45
N LEU A 515 36.96 -5.76 3.21
CA LEU A 515 38.11 -6.37 3.85
C LEU A 515 37.69 -7.33 4.96
N SER A 516 36.51 -7.10 5.53
CA SER A 516 36.02 -7.92 6.63
C SER A 516 35.36 -9.21 6.15
N THR A 517 34.99 -9.25 4.87
CA THR A 517 34.34 -10.43 4.30
C THR A 517 35.31 -11.28 3.47
N PRO A 518 35.35 -12.59 3.77
CA PRO A 518 36.20 -13.54 3.04
C PRO A 518 35.62 -13.97 1.69
N GLY A 519 36.33 -14.82 0.97
CA GLY A 519 35.88 -15.31 -0.32
C GLY A 519 36.46 -14.51 -1.48
N SER A 520 36.18 -14.94 -2.70
CA SER A 520 36.65 -14.24 -3.88
C SER A 520 35.87 -12.95 -4.10
N LEU A 521 36.22 -12.21 -5.14
CA LEU A 521 35.61 -10.91 -5.42
C LEU A 521 34.10 -11.01 -5.57
N ARG A 522 33.66 -11.68 -6.64
CA ARG A 522 32.23 -11.83 -6.92
C ARG A 522 31.49 -12.42 -5.73
N GLN A 523 32.18 -13.27 -4.96
CA GLN A 523 31.61 -13.82 -3.73
C GLN A 523 31.55 -12.75 -2.64
N ARG A 524 32.66 -12.06 -2.42
CA ARG A 524 32.74 -11.00 -1.42
C ARG A 524 31.77 -9.86 -1.73
N PHE A 525 31.43 -9.70 -3.00
CA PHE A 525 30.56 -8.62 -3.43
C PHE A 525 29.12 -8.91 -3.06
N THR A 526 28.55 -9.96 -3.65
CA THR A 526 27.17 -10.34 -3.41
C THR A 526 26.83 -10.49 -1.92
N ILE A 527 27.74 -11.09 -1.16
CA ILE A 527 27.54 -11.26 0.28
C ILE A 527 27.37 -9.91 0.97
N LEU A 528 28.12 -8.92 0.50
CA LEU A 528 28.04 -7.58 1.05
C LEU A 528 26.82 -6.84 0.50
N THR A 529 26.37 -7.22 -0.70
CA THR A 529 25.19 -6.60 -1.29
C THR A 529 23.92 -7.41 -1.03
N THR A 530 24.05 -8.55 -0.34
CA THR A 530 22.87 -9.33 0.03
C THR A 530 22.17 -8.72 1.23
N PRO A 531 20.89 -8.36 1.06
CA PRO A 531 20.04 -7.70 2.05
C PRO A 531 19.85 -8.51 3.32
N TRP A 532 19.39 -7.85 4.38
CA TRP A 532 19.32 -8.42 5.71
C TRP A 532 18.53 -9.75 5.76
N ARG A 533 17.68 -9.97 4.76
CA ARG A 533 16.95 -11.24 4.70
C ARG A 533 17.89 -12.37 4.29
N ASP A 534 17.92 -13.43 5.09
CA ASP A 534 17.11 -13.52 6.30
C ASP A 534 17.90 -13.15 7.55
N GLU B 1 -8.44 -14.16 13.54
CA GLU B 1 -8.95 -14.17 12.17
C GLU B 1 -10.21 -13.32 12.05
N ASN B 2 -10.23 -12.44 11.05
CA ASN B 2 -11.41 -11.62 10.80
C ASN B 2 -12.44 -12.46 10.07
N VAL B 3 -13.59 -12.65 10.71
CA VAL B 3 -14.62 -13.51 10.16
C VAL B 3 -15.67 -12.70 9.42
N LEU B 4 -15.79 -12.92 8.12
CA LEU B 4 -16.75 -12.21 7.31
C LEU B 4 -17.99 -13.07 7.08
N THR B 5 -19.09 -12.67 7.72
CA THR B 5 -20.35 -13.38 7.57
C THR B 5 -21.27 -12.60 6.64
N GLN B 6 -21.94 -13.34 5.76
CA GLN B 6 -22.81 -12.74 4.76
C GLN B 6 -24.24 -13.23 4.94
N SER B 7 -25.18 -12.53 4.31
CA SER B 7 -26.58 -12.84 4.50
C SER B 7 -27.46 -11.99 3.59
N PRO B 8 -28.50 -12.61 3.01
CA PRO B 8 -28.74 -14.02 3.33
C PRO B 8 -27.74 -14.96 2.67
N ALA B 9 -27.81 -16.24 2.99
CA ALA B 9 -26.98 -17.24 2.35
C ALA B 9 -27.58 -17.62 1.00
N ILE B 10 -28.89 -17.78 1.00
CA ILE B 10 -29.64 -18.07 -0.21
C ILE B 10 -30.70 -17.00 -0.42
N MET B 11 -30.60 -16.29 -1.54
CA MET B 11 -31.51 -15.19 -1.84
C MET B 11 -32.22 -15.41 -3.16
N SER B 12 -33.53 -15.18 -3.16
CA SER B 12 -34.33 -15.32 -4.37
C SER B 12 -34.89 -13.98 -4.82
N THR B 13 -34.65 -13.64 -6.08
CA THR B 13 -35.22 -12.42 -6.64
C THR B 13 -35.54 -12.59 -8.12
N SER B 14 -36.67 -12.04 -8.53
CA SER B 14 -37.08 -12.08 -9.93
C SER B 14 -36.34 -10.99 -10.70
N PRO B 15 -36.15 -11.19 -12.01
CA PRO B 15 -35.39 -10.25 -12.85
C PRO B 15 -35.92 -8.83 -12.75
N GLY B 16 -35.02 -7.86 -12.57
CA GLY B 16 -35.40 -6.46 -12.54
C GLY B 16 -35.65 -5.93 -11.14
N GLU B 17 -35.95 -6.82 -10.20
CA GLU B 17 -36.21 -6.40 -8.82
C GLU B 17 -34.89 -6.11 -8.10
N LYS B 18 -34.89 -5.09 -7.25
CA LYS B 18 -33.67 -4.69 -6.55
C LYS B 18 -33.31 -5.65 -5.43
N VAL B 19 -32.02 -5.90 -5.26
CA VAL B 19 -31.54 -6.80 -4.20
C VAL B 19 -30.41 -6.17 -3.41
N THR B 20 -30.34 -6.48 -2.13
CA THR B 20 -29.26 -6.01 -1.28
C THR B 20 -28.72 -7.16 -0.43
N MET B 21 -27.43 -7.45 -0.60
CA MET B 21 -26.76 -8.43 0.25
C MET B 21 -25.73 -7.75 1.13
N THR B 22 -25.54 -8.28 2.34
CA THR B 22 -24.68 -7.64 3.33
C THR B 22 -23.51 -8.52 3.77
N CYS B 23 -22.40 -7.87 4.10
CA CYS B 23 -21.22 -8.55 4.64
C CYS B 23 -20.77 -7.86 5.92
N ARG B 24 -20.90 -8.56 7.05
CA ARG B 24 -20.54 -7.99 8.34
C ARG B 24 -19.32 -8.68 8.93
N ALA B 25 -18.34 -7.88 9.33
CA ALA B 25 -17.05 -8.41 9.80
C ALA B 25 -16.95 -8.39 11.32
N SER B 26 -16.29 -9.40 11.88
CA SER B 26 -16.04 -9.46 13.32
C SER B 26 -15.14 -8.31 13.72
N SER B 27 -14.23 -7.94 12.82
CA SER B 27 -13.31 -6.83 13.06
C SER B 27 -13.50 -5.76 11.99
N SER B 28 -13.17 -4.52 12.34
CA SER B 28 -13.33 -3.41 11.41
C SER B 28 -12.33 -3.54 10.27
N VAL B 29 -12.77 -3.16 9.07
CA VAL B 29 -11.93 -3.28 7.88
C VAL B 29 -11.93 -1.98 7.07
N GLY B 30 -10.76 -1.57 6.61
CA GLY B 30 -10.64 -0.38 5.80
C GLY B 30 -11.53 -0.48 4.58
N SER B 31 -12.28 0.59 4.30
CA SER B 31 -13.24 0.59 3.20
C SER B 31 -12.57 0.31 1.86
N SER B 32 -11.27 0.59 1.78
CA SER B 32 -10.52 0.34 0.56
C SER B 32 -9.98 -1.09 0.50
N TYR B 33 -10.02 -1.78 1.64
CA TYR B 33 -9.45 -3.13 1.73
C TYR B 33 -10.49 -4.24 1.57
N LEU B 34 -11.75 -3.88 1.34
CA LEU B 34 -12.79 -4.88 1.18
C LEU B 34 -13.22 -5.02 -0.27
N HIS B 35 -13.40 -6.26 -0.70
CA HIS B 35 -13.71 -6.55 -2.11
C HIS B 35 -14.78 -7.62 -2.24
N TRP B 36 -15.45 -7.62 -3.40
CA TRP B 36 -16.51 -8.58 -3.67
C TRP B 36 -16.16 -9.46 -4.85
N TYR B 37 -16.67 -10.69 -4.84
CA TYR B 37 -16.41 -11.64 -5.92
C TYR B 37 -17.71 -12.33 -6.34
N GLN B 38 -17.85 -12.55 -7.64
CA GLN B 38 -19.00 -13.29 -8.17
C GLN B 38 -18.56 -14.62 -8.73
N GLN B 39 -19.06 -15.71 -8.14
CA GLN B 39 -18.76 -17.03 -8.65
C GLN B 39 -20.02 -17.66 -9.20
N LYS B 40 -20.10 -17.77 -10.51
CA LYS B 40 -21.24 -18.43 -11.16
C LYS B 40 -21.09 -19.94 -11.03
N SER B 41 -22.21 -20.64 -11.15
CA SER B 41 -22.22 -22.09 -10.97
C SER B 41 -21.22 -22.77 -11.89
N GLY B 42 -20.35 -23.59 -11.30
CA GLY B 42 -19.33 -24.30 -12.05
C GLY B 42 -18.30 -23.40 -12.70
N ALA B 43 -18.18 -22.18 -12.19
CA ALA B 43 -17.24 -21.22 -12.75
C ALA B 43 -16.25 -20.71 -11.70
N SER B 44 -15.10 -20.25 -12.16
CA SER B 44 -14.10 -19.68 -11.27
C SER B 44 -14.55 -18.30 -10.80
N PRO B 45 -14.33 -17.99 -9.51
CA PRO B 45 -14.66 -16.68 -8.95
C PRO B 45 -14.02 -15.55 -9.75
N LYS B 46 -14.73 -14.43 -9.87
CA LYS B 46 -14.21 -13.28 -10.59
C LYS B 46 -14.34 -12.03 -9.74
N LEU B 47 -13.33 -11.17 -9.81
CA LEU B 47 -13.40 -9.89 -9.11
C LEU B 47 -14.57 -9.08 -9.63
N TRP B 48 -15.42 -8.64 -8.70
CA TRP B 48 -16.62 -7.91 -9.07
C TRP B 48 -16.55 -6.47 -8.57
N ILE B 49 -16.47 -6.29 -7.26
CA ILE B 49 -16.34 -4.98 -6.66
C ILE B 49 -15.12 -4.90 -5.75
N TYR B 50 -14.27 -3.90 -5.98
CA TYR B 50 -13.09 -3.66 -5.14
C TYR B 50 -13.16 -2.29 -4.46
N SER B 51 -12.52 -2.19 -3.30
CA SER B 51 -12.52 -0.97 -2.48
C SER B 51 -13.94 -0.56 -2.11
N THR B 52 -14.83 -1.55 -2.19
CA THR B 52 -16.20 -1.51 -1.69
C THR B 52 -17.17 -0.66 -2.50
N SER B 53 -16.68 0.36 -3.22
CA SER B 53 -17.55 1.09 -4.13
C SER B 53 -17.28 0.82 -5.60
N ASN B 54 -16.18 0.14 -5.90
CA ASN B 54 -15.64 0.18 -7.26
C ASN B 54 -15.87 -1.09 -8.06
N LEU B 55 -16.63 -0.95 -9.14
CA LEU B 55 -16.91 -2.06 -10.04
C LEU B 55 -15.64 -2.50 -10.76
N ALA B 56 -15.61 -3.77 -11.17
CA ALA B 56 -14.45 -4.31 -11.86
C ALA B 56 -14.61 -4.16 -13.37
N SER B 57 -13.63 -4.64 -14.12
CA SER B 57 -13.70 -4.56 -15.58
C SER B 57 -14.79 -5.47 -16.10
N GLY B 58 -15.72 -4.91 -16.86
CA GLY B 58 -16.80 -5.68 -17.45
C GLY B 58 -18.03 -5.80 -16.57
N VAL B 59 -17.93 -5.29 -15.34
CA VAL B 59 -19.06 -5.33 -14.42
C VAL B 59 -20.07 -4.24 -14.76
N PRO B 60 -21.33 -4.65 -15.02
CA PRO B 60 -22.41 -3.72 -15.35
C PRO B 60 -22.63 -2.68 -14.26
N ALA B 61 -22.99 -1.46 -14.64
CA ALA B 61 -23.15 -0.38 -13.68
C ALA B 61 -24.36 -0.61 -12.76
N ARG B 62 -25.15 -1.63 -13.09
CA ARG B 62 -26.31 -1.96 -12.26
C ARG B 62 -25.86 -2.36 -10.86
N PHE B 63 -24.64 -2.87 -10.76
CA PHE B 63 -24.06 -3.25 -9.48
C PHE B 63 -23.54 -2.04 -8.71
N SER B 64 -23.52 -2.17 -7.39
CA SER B 64 -23.07 -1.09 -6.51
C SER B 64 -22.60 -1.67 -5.18
N GLY B 65 -21.91 -0.85 -4.39
CA GLY B 65 -21.43 -1.29 -3.11
C GLY B 65 -21.36 -0.14 -2.11
N SER B 66 -21.39 -0.47 -0.83
CA SER B 66 -21.45 0.55 0.21
C SER B 66 -21.09 -0.02 1.57
N GLY B 67 -21.19 0.81 2.61
CA GLY B 67 -20.88 0.39 3.95
C GLY B 67 -19.47 0.73 4.34
N SER B 68 -19.13 0.46 5.60
CA SER B 68 -17.79 0.70 6.12
C SER B 68 -17.63 0.01 7.48
N GLY B 69 -16.45 0.13 8.06
CA GLY B 69 -16.20 -0.49 9.36
C GLY B 69 -16.36 -1.99 9.29
N THR B 70 -17.26 -2.51 10.13
CA THR B 70 -17.55 -3.93 10.13
C THR B 70 -18.78 -4.28 9.29
N SER B 71 -19.38 -3.27 8.64
CA SER B 71 -20.59 -3.52 7.85
C SER B 71 -20.49 -3.00 6.42
N TYR B 72 -20.57 -3.93 5.46
CA TYR B 72 -20.57 -3.61 4.04
C TYR B 72 -21.73 -4.31 3.31
N SER B 73 -22.20 -3.70 2.23
CA SER B 73 -23.31 -4.27 1.47
C SER B 73 -23.15 -4.14 -0.04
N LEU B 74 -23.41 -5.24 -0.75
CA LEU B 74 -23.43 -5.24 -2.21
C LEU B 74 -24.89 -5.18 -2.68
N THR B 75 -25.17 -4.30 -3.63
CA THR B 75 -26.54 -4.08 -4.09
C THR B 75 -26.65 -4.10 -5.61
N ILE B 76 -27.72 -4.70 -6.12
CA ILE B 76 -27.99 -4.70 -7.54
C ILE B 76 -29.24 -3.87 -7.85
N SER B 77 -29.07 -2.86 -8.70
CA SER B 77 -30.16 -1.98 -9.08
C SER B 77 -31.34 -2.75 -9.64
N SER B 78 -31.16 -3.35 -10.82
CA SER B 78 -32.16 -4.24 -11.38
C SER B 78 -31.52 -5.57 -11.76
N VAL B 79 -31.91 -6.63 -11.07
CA VAL B 79 -31.28 -7.93 -11.24
C VAL B 79 -31.65 -8.57 -12.58
N GLU B 80 -30.69 -9.29 -13.15
CA GLU B 80 -30.90 -10.00 -14.40
C GLU B 80 -30.46 -11.46 -14.26
N ALA B 81 -30.94 -12.30 -15.17
CA ALA B 81 -30.61 -13.72 -15.15
C ALA B 81 -29.09 -13.93 -15.15
N GLU B 82 -28.38 -13.04 -15.83
CA GLU B 82 -26.92 -13.08 -15.88
C GLU B 82 -26.32 -12.96 -14.49
N ASP B 83 -27.06 -12.33 -13.58
CA ASP B 83 -26.56 -12.00 -12.26
C ASP B 83 -26.73 -13.14 -11.26
N ALA B 84 -27.26 -14.26 -11.72
CA ALA B 84 -27.49 -15.37 -10.82
C ALA B 84 -26.16 -16.06 -10.53
N ALA B 85 -25.75 -16.02 -9.28
CA ALA B 85 -24.46 -16.56 -8.87
C ALA B 85 -24.33 -16.55 -7.35
N THR B 86 -23.17 -16.96 -6.87
CA THR B 86 -22.85 -16.84 -5.45
C THR B 86 -21.81 -15.75 -5.27
N TYR B 87 -22.13 -14.76 -4.45
CA TYR B 87 -21.26 -13.61 -4.28
C TYR B 87 -20.49 -13.66 -2.97
N TYR B 88 -19.17 -13.54 -3.06
CA TYR B 88 -18.30 -13.60 -1.89
C TYR B 88 -17.59 -12.27 -1.68
N CYS B 89 -17.69 -11.72 -0.47
CA CYS B 89 -16.93 -10.52 -0.13
C CYS B 89 -15.55 -10.91 0.40
N GLN B 90 -14.71 -9.90 0.65
CA GLN B 90 -13.36 -10.17 1.13
C GLN B 90 -12.74 -8.98 1.86
N GLN B 91 -11.80 -9.27 2.76
CA GLN B 91 -11.10 -8.23 3.47
C GLN B 91 -9.58 -8.40 3.36
N PHE B 92 -8.90 -7.36 2.89
CA PHE B 92 -7.45 -7.35 2.90
C PHE B 92 -6.84 -6.56 4.06
N SER B 93 -7.70 -6.04 4.94
CA SER B 93 -7.25 -5.18 6.03
C SER B 93 -6.09 -5.81 6.80
N GLY B 94 -6.10 -7.13 6.92
CA GLY B 94 -5.03 -7.85 7.59
C GLY B 94 -5.11 -9.34 7.36
N TYR B 95 -4.00 -10.03 7.59
CA TYR B 95 -3.94 -11.48 7.45
C TYR B 95 -4.30 -12.16 8.76
N PRO B 96 -4.79 -13.40 8.69
CA PRO B 96 -5.00 -14.11 7.42
C PRO B 96 -6.17 -13.53 6.62
N LEU B 97 -6.08 -13.61 5.29
CA LEU B 97 -7.14 -13.12 4.43
C LEU B 97 -8.38 -14.00 4.56
N THR B 98 -9.55 -13.38 4.52
CA THR B 98 -10.79 -14.12 4.72
C THR B 98 -11.86 -13.74 3.71
N PHE B 99 -12.71 -14.71 3.37
CA PHE B 99 -13.82 -14.51 2.46
C PHE B 99 -15.14 -14.64 3.21
N GLY B 100 -16.16 -13.95 2.73
CA GLY B 100 -17.47 -13.99 3.36
C GLY B 100 -18.16 -15.33 3.23
N SER B 101 -19.20 -15.53 4.03
CA SER B 101 -20.04 -16.73 3.94
C SER B 101 -20.52 -16.96 2.52
N GLY B 102 -20.73 -15.88 1.80
CA GLY B 102 -21.21 -15.93 0.44
C GLY B 102 -22.71 -15.78 0.39
N THR B 103 -23.19 -15.13 -0.66
CA THR B 103 -24.61 -14.96 -0.87
C THR B 103 -24.98 -15.56 -2.22
N LYS B 104 -25.76 -16.63 -2.18
CA LYS B 104 -26.16 -17.27 -3.42
C LYS B 104 -27.42 -16.62 -3.94
N LEU B 105 -27.31 -15.97 -5.09
CA LEU B 105 -28.44 -15.29 -5.71
C LEU B 105 -29.10 -16.21 -6.72
N GLU B 106 -30.38 -16.45 -6.53
CA GLU B 106 -31.14 -17.31 -7.43
C GLU B 106 -32.36 -16.58 -7.97
N MET B 107 -32.58 -16.70 -9.27
CA MET B 107 -33.71 -16.05 -9.92
C MET B 107 -35.01 -16.75 -9.55
N LYS B 108 -36.03 -15.97 -9.24
CA LYS B 108 -37.34 -16.53 -8.93
C LYS B 108 -38.20 -16.58 -10.18
N ARG B 109 -38.95 -17.66 -10.34
CA ARG B 109 -39.83 -17.82 -11.49
C ARG B 109 -41.19 -18.36 -11.07
N ALA B 110 -42.07 -18.54 -12.04
CA ALA B 110 -43.40 -19.07 -11.78
C ALA B 110 -43.30 -20.53 -11.32
N ASP B 111 -44.10 -20.88 -10.32
CA ASP B 111 -44.11 -22.25 -9.81
C ASP B 111 -44.45 -23.24 -10.92
N ALA B 112 -43.60 -24.24 -11.08
CA ALA B 112 -43.82 -25.27 -12.09
C ALA B 112 -43.74 -26.66 -11.48
N ALA B 113 -44.77 -27.47 -11.73
CA ALA B 113 -44.78 -28.85 -11.27
C ALA B 113 -43.64 -29.63 -11.91
N PRO B 114 -43.03 -30.54 -11.15
CA PRO B 114 -41.92 -31.35 -11.65
C PRO B 114 -42.41 -32.43 -12.61
N THR B 115 -41.58 -32.80 -13.58
CA THR B 115 -41.88 -33.95 -14.42
C THR B 115 -41.19 -35.14 -13.79
N VAL B 116 -41.97 -36.05 -13.23
CA VAL B 116 -41.44 -37.15 -12.43
C VAL B 116 -41.32 -38.42 -13.25
N SER B 117 -40.09 -38.91 -13.39
CA SER B 117 -39.82 -40.10 -14.19
C SER B 117 -39.12 -41.18 -13.36
N ILE B 118 -39.81 -42.30 -13.15
CA ILE B 118 -39.24 -43.42 -12.41
C ILE B 118 -38.57 -44.41 -13.34
N PHE B 119 -37.39 -44.87 -12.97
CA PHE B 119 -36.68 -45.87 -13.76
C PHE B 119 -36.30 -47.08 -12.92
N PRO B 120 -36.46 -48.28 -13.49
CA PRO B 120 -36.09 -49.56 -12.86
C PRO B 120 -34.60 -49.82 -12.89
N PRO B 121 -34.12 -50.76 -12.04
CA PRO B 121 -32.73 -51.19 -12.10
C PRO B 121 -32.39 -51.75 -13.48
N SER B 122 -31.20 -51.43 -13.98
CA SER B 122 -30.79 -51.88 -15.31
C SER B 122 -30.56 -53.39 -15.33
N SER B 123 -30.61 -53.96 -16.53
CA SER B 123 -30.39 -55.39 -16.70
C SER B 123 -28.96 -55.74 -16.31
N GLU B 124 -28.07 -54.76 -16.41
CA GLU B 124 -26.65 -54.97 -16.14
C GLU B 124 -26.30 -54.68 -14.69
N GLN B 125 -27.31 -54.35 -13.90
CA GLN B 125 -27.11 -54.03 -12.49
C GLN B 125 -27.14 -55.28 -11.62
N LEU B 126 -28.27 -56.00 -11.66
CA LEU B 126 -28.52 -57.14 -10.78
C LEU B 126 -27.48 -58.27 -10.91
N THR B 127 -26.61 -58.17 -11.91
CA THR B 127 -25.49 -59.10 -12.07
C THR B 127 -24.67 -59.25 -10.80
N SER B 128 -24.31 -58.13 -10.20
CA SER B 128 -23.48 -58.11 -9.00
C SER B 128 -24.33 -58.29 -7.75
N GLY B 129 -25.63 -58.40 -7.96
CA GLY B 129 -26.57 -58.54 -6.86
C GLY B 129 -27.11 -57.19 -6.42
N GLY B 130 -26.64 -56.13 -7.07
CA GLY B 130 -27.14 -54.79 -6.79
C GLY B 130 -28.41 -54.47 -7.55
N ALA B 131 -29.32 -53.76 -6.89
CA ALA B 131 -30.49 -53.20 -7.55
C ALA B 131 -30.76 -51.80 -7.01
N SER B 132 -30.81 -50.82 -7.90
CA SER B 132 -31.05 -49.44 -7.48
C SER B 132 -32.06 -48.74 -8.40
N VAL B 133 -33.16 -48.31 -7.81
CA VAL B 133 -34.20 -47.59 -8.55
C VAL B 133 -33.94 -46.09 -8.53
N VAL B 134 -34.06 -45.46 -9.70
CA VAL B 134 -33.84 -44.02 -9.81
C VAL B 134 -35.14 -43.29 -10.15
N CYS B 135 -35.34 -42.14 -9.53
CA CYS B 135 -36.53 -41.34 -9.78
C CYS B 135 -36.13 -39.91 -10.12
N PHE B 136 -36.41 -39.48 -11.34
CA PHE B 136 -36.05 -38.15 -11.80
C PHE B 136 -37.20 -37.16 -11.62
N LEU B 137 -36.90 -36.02 -11.00
CA LEU B 137 -37.86 -34.92 -10.92
C LEU B 137 -37.23 -33.70 -11.58
N ASN B 138 -37.77 -33.31 -12.74
CA ASN B 138 -37.13 -32.33 -13.60
C ASN B 138 -37.93 -31.06 -13.85
N ASN B 139 -37.22 -29.94 -13.99
CA ASN B 139 -37.81 -28.67 -14.39
C ASN B 139 -38.97 -28.25 -13.50
N PHE B 140 -38.66 -27.87 -12.27
CA PHE B 140 -39.69 -27.48 -11.32
C PHE B 140 -39.23 -26.33 -10.42
N TYR B 141 -40.20 -25.60 -9.87
CA TYR B 141 -39.93 -24.50 -8.97
C TYR B 141 -41.04 -24.44 -7.92
N PRO B 142 -40.71 -24.03 -6.69
CA PRO B 142 -39.37 -23.64 -6.20
C PRO B 142 -38.45 -24.85 -6.01
N LYS B 143 -37.26 -24.59 -5.46
CA LYS B 143 -36.21 -25.59 -5.37
C LYS B 143 -36.61 -26.83 -4.55
N ASP B 144 -37.02 -26.61 -3.31
CA ASP B 144 -37.21 -27.72 -2.38
C ASP B 144 -38.37 -28.64 -2.76
N ILE B 145 -38.07 -29.93 -2.87
CA ILE B 145 -39.08 -30.96 -3.14
C ILE B 145 -38.69 -32.26 -2.44
N ASN B 146 -39.67 -32.97 -1.92
CA ASN B 146 -39.39 -34.20 -1.17
C ASN B 146 -39.94 -35.44 -1.86
N VAL B 147 -39.05 -36.33 -2.29
CA VAL B 147 -39.44 -37.60 -2.87
C VAL B 147 -39.81 -38.59 -1.77
N LYS B 148 -40.75 -39.48 -2.06
CA LYS B 148 -41.13 -40.51 -1.11
C LYS B 148 -41.08 -41.88 -1.77
N TRP B 149 -40.15 -42.73 -1.32
CA TRP B 149 -40.01 -44.06 -1.88
C TRP B 149 -40.92 -45.06 -1.18
N LYS B 150 -41.75 -45.75 -1.97
CA LYS B 150 -42.63 -46.76 -1.42
C LYS B 150 -42.48 -48.10 -2.15
N ILE B 151 -41.98 -49.09 -1.42
CA ILE B 151 -41.97 -50.46 -1.92
C ILE B 151 -43.27 -51.11 -1.47
N ASP B 152 -43.98 -51.74 -2.41
CA ASP B 152 -45.34 -52.19 -2.17
C ASP B 152 -46.20 -51.01 -1.73
N GLY B 153 -46.79 -51.11 -0.55
CA GLY B 153 -47.58 -50.01 0.00
C GLY B 153 -46.88 -49.24 1.10
N SER B 154 -45.76 -49.76 1.58
CA SER B 154 -45.04 -49.16 2.69
C SER B 154 -43.85 -48.32 2.22
N GLU B 155 -43.68 -47.15 2.81
CA GLU B 155 -42.61 -46.25 2.41
C GLU B 155 -41.25 -46.77 2.90
N ARG B 156 -40.21 -46.49 2.11
CA ARG B 156 -38.85 -46.85 2.49
C ARG B 156 -37.98 -45.61 2.60
N GLN B 157 -37.10 -45.60 3.59
CA GLN B 157 -36.28 -44.43 3.90
C GLN B 157 -34.80 -44.71 3.66
N ASN B 158 -34.26 -45.67 4.40
CA ASN B 158 -32.86 -46.05 4.28
C ASN B 158 -32.43 -46.37 2.85
N GLY B 159 -31.23 -45.92 2.48
CA GLY B 159 -30.69 -46.20 1.16
C GLY B 159 -31.26 -45.36 0.03
N VAL B 160 -31.33 -44.05 0.25
CA VAL B 160 -31.82 -43.13 -0.77
C VAL B 160 -30.81 -42.02 -1.05
N LEU B 161 -30.30 -41.97 -2.27
CA LEU B 161 -29.35 -40.92 -2.63
C LEU B 161 -30.05 -39.84 -3.44
N ASN B 162 -30.22 -38.68 -2.82
CA ASN B 162 -30.83 -37.54 -3.47
C ASN B 162 -29.75 -36.64 -4.08
N SER B 163 -29.98 -36.21 -5.32
CA SER B 163 -29.06 -35.31 -5.99
C SER B 163 -29.83 -34.14 -6.58
N TRP B 164 -29.33 -32.93 -6.38
CA TRP B 164 -30.04 -31.74 -6.81
C TRP B 164 -29.22 -30.94 -7.82
N THR B 165 -29.80 -30.72 -8.99
CA THR B 165 -29.17 -29.86 -9.99
C THR B 165 -29.32 -28.41 -9.59
N ASP B 166 -28.27 -27.63 -9.81
CA ASP B 166 -28.35 -26.20 -9.55
C ASP B 166 -29.32 -25.58 -10.56
N GLN B 167 -29.85 -24.41 -10.23
CA GLN B 167 -30.83 -23.76 -11.09
C GLN B 167 -30.22 -23.46 -12.46
N ASP B 168 -30.85 -23.96 -13.53
CA ASP B 168 -30.35 -23.74 -14.88
C ASP B 168 -30.68 -22.34 -15.39
N SER B 169 -29.90 -21.90 -16.38
CA SER B 169 -30.02 -20.53 -16.89
C SER B 169 -31.08 -20.41 -17.97
N LYS B 170 -31.74 -21.52 -18.30
CA LYS B 170 -32.73 -21.50 -19.38
C LYS B 170 -34.12 -21.13 -18.87
N ASP B 171 -34.78 -22.06 -18.19
CA ASP B 171 -36.11 -21.79 -17.65
C ASP B 171 -36.05 -21.44 -16.17
N SER B 172 -34.84 -21.44 -15.60
CA SER B 172 -34.64 -21.13 -14.19
C SER B 172 -35.38 -22.11 -13.28
N THR B 173 -35.32 -23.39 -13.62
CA THR B 173 -35.94 -24.42 -12.79
C THR B 173 -34.89 -25.33 -12.17
N TYR B 174 -35.36 -26.28 -11.36
CA TYR B 174 -34.46 -27.22 -10.71
C TYR B 174 -34.74 -28.65 -11.16
N SER B 175 -33.94 -29.59 -10.66
CA SER B 175 -34.17 -31.00 -10.91
C SER B 175 -33.60 -31.83 -9.77
N MET B 176 -34.22 -32.98 -9.50
CA MET B 176 -33.76 -33.85 -8.43
C MET B 176 -33.66 -35.31 -8.86
N SER B 177 -32.53 -35.94 -8.56
CA SER B 177 -32.34 -37.35 -8.87
C SER B 177 -32.25 -38.17 -7.59
N SER B 178 -33.29 -38.96 -7.34
CA SER B 178 -33.29 -39.84 -6.18
C SER B 178 -32.94 -41.26 -6.61
N THR B 179 -32.03 -41.88 -5.86
CA THR B 179 -31.63 -43.24 -6.17
C THR B 179 -31.81 -44.13 -4.94
N LEU B 180 -32.76 -45.06 -5.03
CA LEU B 180 -32.98 -46.04 -3.97
C LEU B 180 -32.22 -47.31 -4.31
N THR B 181 -31.16 -47.57 -3.54
CA THR B 181 -30.30 -48.71 -3.82
C THR B 181 -30.65 -49.89 -2.91
N LEU B 182 -30.85 -51.04 -3.53
CA LEU B 182 -31.19 -52.25 -2.80
C LEU B 182 -30.29 -53.40 -3.24
N THR B 183 -30.57 -54.59 -2.71
CA THR B 183 -29.85 -55.79 -3.12
C THR B 183 -30.74 -56.61 -4.05
N LYS B 184 -30.13 -57.24 -5.05
CA LYS B 184 -30.87 -58.07 -6.01
C LYS B 184 -31.63 -59.18 -5.30
N ASP B 185 -31.03 -59.71 -4.23
CA ASP B 185 -31.69 -60.75 -3.44
C ASP B 185 -32.96 -60.18 -2.81
N GLU B 186 -32.86 -58.96 -2.30
CA GLU B 186 -34.00 -58.30 -1.67
C GLU B 186 -34.88 -57.60 -2.71
N TYR B 187 -34.35 -57.40 -3.90
CA TYR B 187 -35.10 -56.72 -4.96
C TYR B 187 -36.29 -57.57 -5.41
N GLU B 188 -36.04 -58.83 -5.71
CA GLU B 188 -37.09 -59.75 -6.14
C GLU B 188 -38.14 -59.94 -5.03
N ARG B 189 -37.76 -59.60 -3.81
CA ARG B 189 -38.63 -59.80 -2.65
C ARG B 189 -39.94 -59.04 -2.76
N HIS B 190 -39.87 -57.79 -3.23
CA HIS B 190 -41.07 -56.97 -3.40
C HIS B 190 -41.36 -56.70 -4.86
N ASN B 191 -42.63 -56.81 -5.25
CA ASN B 191 -43.02 -56.69 -6.64
C ASN B 191 -43.16 -55.25 -7.16
N SER B 192 -43.77 -54.39 -6.35
CA SER B 192 -44.12 -53.04 -6.82
C SER B 192 -43.36 -51.94 -6.09
N TYR B 193 -42.60 -51.16 -6.86
CA TYR B 193 -41.86 -50.03 -6.32
C TYR B 193 -42.49 -48.71 -6.77
N THR B 194 -42.75 -47.83 -5.81
CA THR B 194 -43.39 -46.56 -6.11
C THR B 194 -42.67 -45.39 -5.45
N CYS B 195 -42.31 -44.39 -6.25
CA CYS B 195 -41.75 -43.15 -5.71
C CYS B 195 -42.70 -41.99 -5.99
N GLU B 196 -42.95 -41.18 -4.97
CA GLU B 196 -43.88 -40.07 -5.09
C GLU B 196 -43.21 -38.76 -4.71
N ALA B 197 -43.57 -37.68 -5.40
CA ALA B 197 -42.97 -36.38 -5.14
C ALA B 197 -43.96 -35.42 -4.50
N THR B 198 -43.75 -35.11 -3.22
CA THR B 198 -44.56 -34.12 -2.54
C THR B 198 -43.97 -32.75 -2.81
N HIS B 199 -44.75 -31.88 -3.44
CA HIS B 199 -44.25 -30.57 -3.84
C HIS B 199 -45.27 -29.46 -3.55
N LYS B 200 -44.81 -28.22 -3.59
CA LYS B 200 -45.65 -27.07 -3.34
C LYS B 200 -46.74 -26.93 -4.40
N THR B 201 -46.38 -27.22 -5.65
CA THR B 201 -47.28 -27.02 -6.79
C THR B 201 -48.61 -27.75 -6.65
N SER B 202 -48.62 -28.89 -5.96
CA SER B 202 -49.84 -29.65 -5.81
C SER B 202 -49.94 -30.32 -4.43
N THR B 203 -51.14 -30.26 -3.84
CA THR B 203 -51.38 -30.92 -2.56
C THR B 203 -51.30 -32.43 -2.74
N SER B 204 -51.61 -32.88 -3.95
CA SER B 204 -51.50 -34.29 -4.30
C SER B 204 -50.09 -34.61 -4.77
N PRO B 205 -49.41 -35.52 -4.07
CA PRO B 205 -48.06 -35.93 -4.45
C PRO B 205 -48.03 -36.57 -5.82
N ILE B 206 -47.03 -36.26 -6.62
CA ILE B 206 -46.92 -36.85 -7.95
C ILE B 206 -46.40 -38.27 -7.81
N VAL B 207 -47.20 -39.24 -8.24
CA VAL B 207 -46.91 -40.65 -8.00
C VAL B 207 -46.48 -41.38 -9.27
N LYS B 208 -45.42 -42.18 -9.14
CA LYS B 208 -45.00 -43.05 -10.23
C LYS B 208 -44.77 -44.46 -9.70
N SER B 209 -45.58 -45.40 -10.16
CA SER B 209 -45.45 -46.79 -9.74
C SER B 209 -44.69 -47.58 -10.79
N PHE B 210 -44.51 -48.87 -10.54
CA PHE B 210 -43.81 -49.73 -11.49
C PHE B 210 -43.74 -51.18 -10.99
N ASN B 211 -43.55 -52.10 -11.93
CA ASN B 211 -43.37 -53.51 -11.63
C ASN B 211 -42.73 -54.22 -12.82
N ARG B 212 -42.18 -55.40 -12.60
CA ARG B 212 -41.58 -56.18 -13.67
C ARG B 212 -42.62 -56.65 -14.68
N ASN B 213 -43.82 -56.97 -14.19
CA ASN B 213 -44.89 -57.47 -15.04
C ASN B 213 -44.53 -58.81 -15.68
N GLU C 1 -6.40 -12.50 -22.68
CA GLU C 1 -5.22 -11.78 -22.22
C GLU C 1 -4.57 -12.50 -21.05
N VAL C 2 -4.94 -12.12 -19.84
CA VAL C 2 -4.42 -12.75 -18.63
C VAL C 2 -4.99 -14.16 -18.48
N GLN C 3 -4.11 -15.14 -18.36
CA GLN C 3 -4.55 -16.52 -18.21
C GLN C 3 -3.79 -17.21 -17.08
N LEU C 4 -4.53 -17.71 -16.10
CA LEU C 4 -3.96 -18.45 -14.99
C LEU C 4 -4.37 -19.90 -15.10
N VAL C 5 -3.40 -20.78 -15.38
CA VAL C 5 -3.70 -22.20 -15.49
C VAL C 5 -3.14 -22.97 -14.32
N GLU C 6 -4.00 -23.70 -13.64
CA GLU C 6 -3.62 -24.40 -12.43
C GLU C 6 -3.60 -25.90 -12.65
N SER C 7 -2.50 -26.53 -12.26
CA SER C 7 -2.29 -27.94 -12.55
C SER C 7 -1.87 -28.70 -11.31
N GLY C 8 -1.86 -30.03 -11.43
CA GLY C 8 -1.56 -30.89 -10.30
C GLY C 8 -2.85 -31.22 -9.58
N GLY C 9 -2.74 -31.70 -8.35
CA GLY C 9 -3.93 -32.01 -7.59
C GLY C 9 -4.54 -33.32 -8.06
N GLY C 10 -5.36 -33.92 -7.21
CA GLY C 10 -5.90 -35.24 -7.47
C GLY C 10 -6.19 -35.93 -6.15
N LEU C 11 -6.17 -37.25 -6.15
CA LEU C 11 -6.36 -38.00 -4.92
C LEU C 11 -5.05 -38.13 -4.15
N VAL C 12 -5.07 -37.85 -2.86
CA VAL C 12 -3.91 -38.03 -2.00
C VAL C 12 -4.33 -38.60 -0.65
N LYS C 13 -3.68 -39.68 -0.23
CA LYS C 13 -3.96 -40.27 1.07
C LYS C 13 -3.55 -39.32 2.19
N PRO C 14 -4.37 -39.24 3.24
CA PRO C 14 -4.11 -38.36 4.39
C PRO C 14 -2.74 -38.60 5.00
N GLY C 15 -2.00 -37.51 5.24
CA GLY C 15 -0.65 -37.59 5.75
C GLY C 15 0.35 -37.46 4.61
N GLY C 16 -0.12 -37.72 3.39
CA GLY C 16 0.71 -37.62 2.21
C GLY C 16 0.96 -36.19 1.83
N SER C 17 1.74 -35.97 0.77
CA SER C 17 2.06 -34.63 0.32
C SER C 17 1.86 -34.52 -1.19
N LEU C 18 1.51 -33.31 -1.65
CA LEU C 18 1.26 -33.09 -3.07
C LEU C 18 1.64 -31.67 -3.49
N LYS C 19 2.17 -31.54 -4.70
CA LYS C 19 2.63 -30.25 -5.21
C LYS C 19 1.68 -29.69 -6.27
N LEU C 20 1.34 -28.41 -6.12
CA LEU C 20 0.45 -27.74 -7.06
C LEU C 20 1.18 -26.65 -7.83
N SER C 21 0.70 -26.36 -9.03
CA SER C 21 1.33 -25.35 -9.87
C SER C 21 0.30 -24.51 -10.62
N CYS C 22 0.60 -23.23 -10.78
CA CYS C 22 -0.26 -22.33 -11.53
C CYS C 22 0.55 -21.68 -12.65
N ALA C 23 0.12 -21.91 -13.89
CA ALA C 23 0.82 -21.39 -15.04
C ALA C 23 0.25 -20.02 -15.42
N ALA C 24 1.06 -18.97 -15.23
CA ALA C 24 0.60 -17.61 -15.47
C ALA C 24 1.08 -17.08 -16.81
N SER C 25 0.18 -16.44 -17.55
CA SER C 25 0.52 -15.88 -18.85
C SER C 25 -0.35 -14.66 -19.15
N GLY C 26 0.20 -13.72 -19.92
CA GLY C 26 -0.55 -12.56 -20.35
C GLY C 26 -0.27 -11.34 -19.48
N PHE C 27 0.64 -11.50 -18.54
CA PHE C 27 1.07 -10.40 -17.69
C PHE C 27 2.47 -10.71 -17.19
N THR C 28 3.18 -9.68 -16.72
CA THR C 28 4.51 -9.91 -16.17
C THR C 28 4.33 -10.52 -14.79
N PHE C 29 4.83 -11.75 -14.64
CA PHE C 29 4.56 -12.54 -13.43
C PHE C 29 5.33 -11.98 -12.24
N SER C 30 6.57 -11.59 -12.48
CA SER C 30 7.42 -11.06 -11.44
C SER C 30 6.88 -9.76 -10.84
N SER C 31 5.97 -9.11 -11.55
CA SER C 31 5.37 -7.88 -11.06
C SER C 31 4.22 -8.11 -10.08
N TYR C 32 3.34 -9.05 -10.42
CA TYR C 32 2.16 -9.30 -9.61
C TYR C 32 2.39 -10.37 -8.55
N ALA C 33 1.91 -10.13 -7.35
CA ALA C 33 1.94 -11.12 -6.28
C ALA C 33 0.85 -12.16 -6.52
N MET C 34 1.03 -13.36 -5.98
CA MET C 34 0.07 -14.44 -6.20
C MET C 34 -0.44 -15.01 -4.88
N SER C 35 -1.67 -15.50 -4.90
CA SER C 35 -2.27 -16.10 -3.72
C SER C 35 -3.05 -17.36 -4.08
N TRP C 36 -2.96 -18.37 -3.22
CA TRP C 36 -3.73 -19.60 -3.41
C TRP C 36 -5.02 -19.54 -2.60
N VAL C 37 -6.15 -19.50 -3.30
CA VAL C 37 -7.45 -19.51 -2.64
C VAL C 37 -8.17 -20.83 -2.93
N ARG C 38 -8.52 -21.56 -1.88
CA ARG C 38 -9.17 -22.85 -2.05
C ARG C 38 -10.65 -22.78 -1.69
N GLN C 39 -11.45 -23.59 -2.35
CA GLN C 39 -12.88 -23.66 -2.05
C GLN C 39 -13.30 -25.10 -1.79
N SER C 40 -13.80 -25.36 -0.58
CA SER C 40 -14.21 -26.69 -0.18
C SER C 40 -15.44 -27.15 -0.96
N PRO C 41 -15.73 -28.47 -0.89
CA PRO C 41 -16.89 -29.05 -1.58
C PRO C 41 -18.20 -28.44 -1.09
N GLU C 42 -18.12 -27.74 0.04
CA GLU C 42 -19.27 -27.08 0.64
C GLU C 42 -19.39 -25.64 0.17
N LYS C 43 -18.55 -25.28 -0.80
CA LYS C 43 -18.52 -23.92 -1.35
C LYS C 43 -18.07 -22.90 -0.31
N ARG C 44 -16.97 -23.23 0.36
CA ARG C 44 -16.39 -22.37 1.38
C ARG C 44 -15.05 -21.82 0.91
N LEU C 45 -15.01 -20.51 0.65
CA LEU C 45 -13.77 -19.88 0.18
C LEU C 45 -12.82 -19.58 1.33
N GLU C 46 -11.60 -20.10 1.22
CA GLU C 46 -10.58 -19.87 2.23
C GLU C 46 -9.24 -19.50 1.61
N TRP C 47 -8.72 -18.33 1.94
CA TRP C 47 -7.40 -17.93 1.50
C TRP C 47 -6.36 -18.85 2.16
N VAL C 48 -5.52 -19.47 1.33
CA VAL C 48 -4.53 -20.41 1.83
C VAL C 48 -3.20 -19.73 2.10
N ALA C 49 -2.57 -19.25 1.03
CA ALA C 49 -1.28 -18.58 1.16
C ALA C 49 -1.10 -17.52 0.08
N GLU C 50 -0.35 -16.48 0.42
CA GLU C 50 -0.02 -15.43 -0.54
C GLU C 50 1.49 -15.30 -0.69
N ILE C 51 1.93 -15.03 -1.91
CA ILE C 51 3.35 -14.78 -2.17
C ILE C 51 3.50 -13.50 -2.99
N SER C 52 4.48 -12.68 -2.62
CA SER C 52 4.68 -11.40 -3.28
C SER C 52 5.28 -11.56 -4.66
N SER C 53 5.50 -10.45 -5.34
CA SER C 53 6.09 -10.43 -6.66
C SER C 53 7.43 -11.16 -6.69
N GLY C 54 8.34 -10.73 -5.82
CA GLY C 54 9.63 -11.37 -5.71
C GLY C 54 9.55 -12.63 -4.88
N GLY C 55 8.46 -12.73 -4.12
CA GLY C 55 8.21 -13.90 -3.29
C GLY C 55 9.01 -13.92 -1.99
N ARG C 56 9.39 -12.73 -1.52
CA ARG C 56 10.13 -12.64 -0.27
C ARG C 56 9.22 -12.34 0.92
N TYR C 57 7.93 -12.19 0.65
CA TYR C 57 6.93 -12.04 1.71
C TYR C 57 5.84 -13.09 1.57
N ILE C 58 5.75 -13.99 2.54
CA ILE C 58 4.79 -15.10 2.47
C ILE C 58 3.85 -15.12 3.66
N TYR C 59 2.55 -15.24 3.38
CA TYR C 59 1.54 -15.29 4.42
C TYR C 59 0.74 -16.59 4.32
N TYR C 60 0.57 -17.25 5.46
CA TYR C 60 -0.21 -18.49 5.52
C TYR C 60 -1.37 -18.37 6.48
N SER C 61 -2.48 -19.01 6.15
CA SER C 61 -3.61 -19.08 7.07
C SER C 61 -3.26 -20.02 8.22
N ASP C 62 -3.86 -19.79 9.38
CA ASP C 62 -3.55 -20.58 10.56
C ASP C 62 -3.88 -22.06 10.34
N THR C 63 -4.71 -22.33 9.34
CA THR C 63 -5.13 -23.68 9.02
C THR C 63 -4.00 -24.49 8.40
N VAL C 64 -3.43 -23.97 7.32
CA VAL C 64 -2.42 -24.70 6.55
C VAL C 64 -0.99 -24.31 6.91
N THR C 65 -0.84 -23.42 7.90
CA THR C 65 0.47 -22.88 8.22
C THR C 65 1.47 -23.96 8.65
N GLY C 66 2.61 -23.98 7.98
CA GLY C 66 3.70 -24.89 8.29
C GLY C 66 3.60 -26.22 7.57
N ARG C 67 2.38 -26.59 7.19
CA ARG C 67 2.16 -27.78 6.36
C ARG C 67 2.33 -27.47 4.88
N PHE C 68 1.90 -26.28 4.46
CA PHE C 68 2.00 -25.86 3.07
C PHE C 68 3.18 -24.94 2.83
N THR C 69 3.82 -25.10 1.68
CA THR C 69 4.90 -24.22 1.26
C THR C 69 4.64 -23.68 -0.14
N ILE C 70 4.42 -22.38 -0.24
CA ILE C 70 4.11 -21.74 -1.52
C ILE C 70 5.36 -21.20 -2.18
N SER C 71 5.71 -21.76 -3.34
CA SER C 71 6.91 -21.35 -4.05
C SER C 71 6.58 -20.43 -5.22
N ARG C 72 7.61 -19.95 -5.91
CA ARG C 72 7.41 -19.08 -7.06
C ARG C 72 8.55 -19.24 -8.08
N ASP C 73 8.20 -19.18 -9.36
CA ASP C 73 9.19 -19.10 -10.42
C ASP C 73 8.83 -17.93 -11.32
N ASN C 74 9.62 -16.88 -11.25
CA ASN C 74 9.35 -15.68 -12.04
C ASN C 74 9.92 -15.80 -13.44
N ALA C 75 10.89 -16.71 -13.59
CA ALA C 75 11.50 -16.96 -14.89
C ALA C 75 10.51 -17.69 -15.79
N ARG C 76 9.89 -18.72 -15.25
CA ARG C 76 8.97 -19.56 -16.01
C ARG C 76 7.52 -19.16 -15.81
N ASN C 77 7.30 -18.10 -15.03
CA ASN C 77 5.96 -17.62 -14.74
C ASN C 77 5.08 -18.71 -14.15
N ILE C 78 5.58 -19.37 -13.12
CA ILE C 78 4.85 -20.48 -12.49
C ILE C 78 4.74 -20.29 -10.99
N LEU C 79 3.51 -20.35 -10.48
CA LEU C 79 3.25 -20.30 -9.06
C LEU C 79 2.98 -21.70 -8.53
N HIS C 80 3.78 -22.17 -7.58
CA HIS C 80 3.53 -23.49 -7.02
C HIS C 80 2.88 -23.41 -5.66
N LEU C 81 2.46 -24.57 -5.15
CA LEU C 81 2.07 -24.72 -3.76
C LEU C 81 2.55 -26.07 -3.28
N GLU C 82 3.44 -26.10 -2.30
CA GLU C 82 3.97 -27.37 -1.84
C GLU C 82 3.27 -27.81 -0.56
N MET C 83 2.48 -28.87 -0.69
CA MET C 83 1.69 -29.39 0.42
C MET C 83 2.38 -30.58 1.05
N SER C 84 2.26 -30.69 2.37
CA SER C 84 2.85 -31.80 3.10
C SER C 84 1.95 -32.18 4.26
N SER C 85 1.91 -33.48 4.55
CA SER C 85 1.03 -34.00 5.61
C SER C 85 -0.39 -33.49 5.41
N LEU C 86 -0.94 -33.75 4.23
CA LEU C 86 -2.27 -33.27 3.87
C LEU C 86 -3.34 -33.84 4.77
N ARG C 87 -4.45 -33.13 4.87
CA ARG C 87 -5.53 -33.50 5.79
C ARG C 87 -6.86 -33.58 5.04
N SER C 88 -7.78 -34.36 5.56
CA SER C 88 -9.09 -34.54 4.94
C SER C 88 -9.83 -33.21 4.82
N GLU C 89 -9.55 -32.30 5.75
CA GLU C 89 -10.17 -30.98 5.74
C GLU C 89 -9.57 -30.11 4.64
N ASP C 90 -8.44 -30.55 4.10
CA ASP C 90 -7.74 -29.80 3.07
C ASP C 90 -8.31 -30.10 1.68
N THR C 91 -9.33 -30.95 1.63
CA THR C 91 -9.97 -31.28 0.37
C THR C 91 -10.76 -30.10 -0.16
N ALA C 92 -10.44 -29.69 -1.39
CA ALA C 92 -11.06 -28.52 -2.00
C ALA C 92 -10.43 -28.24 -3.36
N MET C 93 -11.07 -27.36 -4.13
CA MET C 93 -10.48 -26.92 -5.39
C MET C 93 -9.65 -25.66 -5.14
N TYR C 94 -8.34 -25.79 -5.34
CA TYR C 94 -7.43 -24.68 -5.11
C TYR C 94 -7.38 -23.75 -6.31
N TYR C 95 -7.39 -22.45 -6.04
CA TYR C 95 -7.36 -21.45 -7.11
C TYR C 95 -6.05 -20.66 -7.10
N CYS C 96 -5.65 -20.21 -8.29
CA CYS C 96 -4.48 -19.36 -8.44
C CYS C 96 -4.92 -17.96 -8.85
N ALA C 97 -4.59 -16.96 -8.03
CA ALA C 97 -5.08 -15.61 -8.27
C ALA C 97 -4.05 -14.52 -7.97
N ARG C 98 -4.26 -13.35 -8.57
CA ARG C 98 -3.45 -12.17 -8.27
C ARG C 98 -4.35 -11.00 -7.88
N GLY C 99 -4.13 -10.42 -6.70
CA GLY C 99 -3.08 -10.85 -5.79
C GLY C 99 -1.96 -9.85 -5.58
N GLU C 100 -1.93 -8.77 -6.35
CA GLU C 100 -0.88 -7.77 -6.17
C GLU C 100 -1.35 -6.60 -5.32
N VAL C 101 -2.31 -5.84 -5.80
CA VAL C 101 -2.79 -4.68 -5.06
C VAL C 101 -3.86 -5.08 -4.05
N ARG C 102 -3.56 -4.86 -2.77
CA ARG C 102 -4.48 -5.22 -1.70
C ARG C 102 -5.80 -4.46 -1.81
N GLN C 103 -5.70 -3.20 -2.20
CA GLN C 103 -6.89 -2.36 -2.31
C GLN C 103 -7.77 -2.75 -3.49
N ARG C 104 -7.20 -3.42 -4.49
CA ARG C 104 -7.99 -3.91 -5.62
C ARG C 104 -8.37 -5.39 -5.54
N GLY C 105 -7.88 -6.11 -4.53
CA GLY C 105 -8.19 -7.52 -4.36
C GLY C 105 -7.58 -8.42 -5.42
N PHE C 106 -8.28 -9.51 -5.76
CA PHE C 106 -7.81 -10.45 -6.78
C PHE C 106 -8.55 -10.24 -8.11
N ASP C 107 -7.86 -9.68 -9.10
CA ASP C 107 -8.52 -9.34 -10.37
C ASP C 107 -8.65 -10.52 -11.33
N TYR C 108 -7.70 -11.45 -11.29
CA TYR C 108 -7.71 -12.58 -12.22
C TYR C 108 -7.53 -13.91 -11.52
N TRP C 109 -8.39 -14.86 -11.86
CA TRP C 109 -8.35 -16.20 -11.28
C TRP C 109 -8.10 -17.25 -12.35
N GLY C 110 -7.59 -18.41 -11.94
CA GLY C 110 -7.38 -19.51 -12.86
C GLY C 110 -8.64 -20.35 -12.99
N GLN C 111 -8.52 -21.48 -13.69
CA GLN C 111 -9.65 -22.40 -13.86
C GLN C 111 -9.84 -23.23 -12.60
N GLY C 112 -8.75 -23.40 -11.86
CA GLY C 112 -8.76 -24.15 -10.63
C GLY C 112 -8.35 -25.61 -10.80
N THR C 113 -7.68 -26.15 -9.80
CA THR C 113 -7.31 -27.56 -9.81
C THR C 113 -7.86 -28.23 -8.56
N THR C 114 -8.39 -29.44 -8.74
CA THR C 114 -9.11 -30.13 -7.67
C THR C 114 -8.23 -31.06 -6.86
N LEU C 115 -8.31 -30.94 -5.54
CA LEU C 115 -7.58 -31.82 -4.64
C LEU C 115 -8.54 -32.59 -3.73
N THR C 116 -8.37 -33.91 -3.71
CA THR C 116 -9.20 -34.76 -2.87
C THR C 116 -8.34 -35.60 -1.93
N VAL C 117 -8.46 -35.34 -0.64
CA VAL C 117 -7.72 -36.11 0.36
C VAL C 117 -8.65 -37.09 1.06
N SER C 118 -8.48 -38.37 0.75
CA SER C 118 -9.33 -39.41 1.31
C SER C 118 -8.60 -40.74 1.36
N SER C 119 -9.00 -41.60 2.29
CA SER C 119 -8.39 -42.91 2.41
C SER C 119 -9.05 -43.90 1.45
N ALA C 120 -10.20 -43.51 0.91
CA ALA C 120 -10.96 -44.36 0.01
C ALA C 120 -10.16 -44.71 -1.24
N LYS C 121 -10.27 -45.97 -1.67
CA LYS C 121 -9.59 -46.43 -2.87
C LYS C 121 -10.36 -45.99 -4.10
N THR C 122 -9.63 -45.73 -5.18
CA THR C 122 -10.25 -45.30 -6.43
C THR C 122 -11.05 -46.44 -7.05
N THR C 123 -12.33 -46.20 -7.32
CA THR C 123 -13.18 -47.21 -7.93
C THR C 123 -13.85 -46.70 -9.20
N ALA C 124 -14.00 -47.59 -10.17
CA ALA C 124 -14.62 -47.22 -11.44
C ALA C 124 -16.14 -47.29 -11.33
N PRO C 125 -16.83 -46.31 -11.95
CA PRO C 125 -18.29 -46.24 -11.90
C PRO C 125 -18.94 -47.36 -12.68
N SER C 126 -20.10 -47.83 -12.20
CA SER C 126 -20.90 -48.78 -12.95
C SER C 126 -22.04 -48.01 -13.61
N VAL C 127 -21.96 -47.85 -14.92
CA VAL C 127 -22.93 -47.05 -15.64
C VAL C 127 -24.17 -47.85 -15.99
N TYR C 128 -25.31 -47.41 -15.49
CA TYR C 128 -26.57 -48.11 -15.70
C TYR C 128 -27.52 -47.29 -16.56
N PRO C 129 -27.87 -47.83 -17.74
CA PRO C 129 -28.87 -47.22 -18.62
C PRO C 129 -30.26 -47.27 -17.99
N LEU C 130 -31.00 -46.18 -18.06
CA LEU C 130 -32.34 -46.16 -17.49
C LEU C 130 -33.42 -46.11 -18.57
N ALA C 131 -34.10 -47.24 -18.74
CA ALA C 131 -35.21 -47.36 -19.70
C ALA C 131 -36.55 -47.16 -19.01
N PRO C 132 -37.42 -46.34 -19.61
CA PRO C 132 -38.75 -46.04 -19.05
C PRO C 132 -39.60 -47.28 -18.86
N VAL C 133 -40.62 -47.19 -18.01
CA VAL C 133 -41.53 -48.30 -17.80
C VAL C 133 -42.32 -48.61 -19.07
N CYS C 134 -42.80 -49.84 -19.19
CA CYS C 134 -43.49 -50.29 -20.40
C CYS C 134 -44.99 -49.96 -20.38
N GLY C 135 -45.43 -49.27 -19.34
CA GLY C 135 -46.84 -48.97 -19.14
C GLY C 135 -47.43 -47.93 -20.08
N ASP C 136 -48.72 -48.08 -20.38
CA ASP C 136 -49.46 -47.13 -21.23
C ASP C 136 -50.05 -46.01 -20.38
N THR C 137 -50.11 -44.80 -20.93
CA THR C 137 -49.68 -44.54 -22.31
C THR C 137 -48.50 -43.57 -22.37
N THR C 138 -47.66 -43.73 -23.38
CA THR C 138 -46.48 -42.88 -23.55
C THR C 138 -46.86 -41.43 -23.76
N GLY C 139 -46.11 -40.53 -23.12
CA GLY C 139 -46.39 -39.10 -23.18
C GLY C 139 -45.86 -38.42 -24.43
N SER C 140 -46.04 -37.10 -24.49
CA SER C 140 -45.59 -36.31 -25.63
C SER C 140 -44.07 -36.37 -25.79
N SER C 141 -43.35 -36.28 -24.69
CA SER C 141 -41.90 -36.41 -24.70
C SER C 141 -41.44 -37.32 -23.58
N VAL C 142 -40.80 -38.44 -23.94
CA VAL C 142 -40.35 -39.41 -22.96
C VAL C 142 -38.95 -39.10 -22.45
N THR C 143 -38.74 -39.35 -21.16
CA THR C 143 -37.43 -39.09 -20.55
C THR C 143 -36.61 -40.36 -20.43
N LEU C 144 -35.34 -40.25 -20.78
CA LEU C 144 -34.40 -41.35 -20.67
C LEU C 144 -33.33 -40.95 -19.65
N GLY C 145 -32.65 -41.93 -19.07
CA GLY C 145 -31.67 -41.63 -18.05
C GLY C 145 -30.47 -42.55 -18.00
N CYS C 146 -29.42 -42.08 -17.33
CA CYS C 146 -28.18 -42.84 -17.18
C CYS C 146 -27.67 -42.73 -15.75
N LEU C 147 -27.46 -43.87 -15.11
CA LEU C 147 -27.05 -43.90 -13.72
C LEU C 147 -25.57 -44.25 -13.56
N VAL C 148 -24.79 -43.30 -13.05
CA VAL C 148 -23.39 -43.55 -12.73
C VAL C 148 -23.27 -43.73 -11.22
N LYS C 149 -23.03 -44.96 -10.79
CA LYS C 149 -23.06 -45.27 -9.36
C LYS C 149 -21.77 -45.90 -8.86
N GLY C 150 -21.46 -45.63 -7.59
CA GLY C 150 -20.32 -46.24 -6.94
C GLY C 150 -18.99 -45.97 -7.60
N TYR C 151 -18.67 -44.70 -7.81
CA TYR C 151 -17.38 -44.34 -8.40
C TYR C 151 -16.63 -43.33 -7.52
N PHE C 152 -15.32 -43.47 -7.48
CA PHE C 152 -14.47 -42.54 -6.74
C PHE C 152 -13.12 -42.39 -7.43
N PRO C 153 -12.53 -41.18 -7.39
CA PRO C 153 -13.11 -39.91 -6.96
C PRO C 153 -13.75 -39.16 -8.13
N GLU C 154 -14.19 -37.93 -7.89
CA GLU C 154 -14.62 -37.04 -8.96
C GLU C 154 -13.40 -36.63 -9.79
N PRO C 155 -13.63 -36.09 -10.99
CA PRO C 155 -14.93 -35.91 -11.65
C PRO C 155 -15.29 -37.07 -12.59
N VAL C 156 -16.45 -36.95 -13.22
CA VAL C 156 -16.85 -37.86 -14.30
C VAL C 156 -17.50 -37.08 -15.42
N THR C 157 -17.09 -37.37 -16.66
CA THR C 157 -17.67 -36.69 -17.81
C THR C 157 -18.83 -37.50 -18.38
N LEU C 158 -20.04 -36.97 -18.22
CA LEU C 158 -21.23 -37.65 -18.73
C LEU C 158 -21.95 -36.75 -19.72
N THR C 159 -21.94 -37.17 -20.98
CA THR C 159 -22.65 -36.46 -22.03
C THR C 159 -23.63 -37.40 -22.73
N TRP C 160 -24.36 -36.88 -23.71
CA TRP C 160 -25.33 -37.69 -24.43
C TRP C 160 -25.05 -37.68 -25.93
N ASN C 161 -24.83 -38.87 -26.48
CA ASN C 161 -24.46 -38.99 -27.89
C ASN C 161 -23.21 -38.19 -28.20
N SER C 162 -22.20 -38.34 -27.35
CA SER C 162 -20.93 -37.64 -27.51
C SER C 162 -21.09 -36.14 -27.36
N GLY C 163 -22.07 -35.72 -26.57
CA GLY C 163 -22.29 -34.31 -26.30
C GLY C 163 -23.01 -33.60 -27.44
N SER C 164 -23.76 -34.36 -28.22
CA SER C 164 -24.50 -33.80 -29.33
C SER C 164 -25.76 -33.09 -28.84
N LEU C 165 -26.68 -33.84 -28.23
CA LEU C 165 -27.94 -33.28 -27.77
C LEU C 165 -27.85 -32.78 -26.33
N SER C 166 -27.88 -31.46 -26.15
CA SER C 166 -27.90 -30.87 -24.83
C SER C 166 -29.32 -30.44 -24.40
N SER C 167 -30.29 -30.62 -25.29
CA SER C 167 -31.62 -30.10 -25.05
C SER C 167 -32.43 -30.98 -24.12
N GLY C 168 -32.85 -30.42 -22.99
CA GLY C 168 -33.63 -31.15 -22.00
C GLY C 168 -32.80 -32.19 -21.27
N VAL C 169 -31.49 -31.91 -21.15
CA VAL C 169 -30.57 -32.83 -20.50
C VAL C 169 -30.16 -32.33 -19.12
N HIS C 170 -30.56 -33.07 -18.09
CA HIS C 170 -30.15 -32.76 -16.72
C HIS C 170 -29.18 -33.79 -16.18
N THR C 171 -27.91 -33.40 -16.04
CA THR C 171 -26.93 -34.26 -15.41
C THR C 171 -26.79 -33.86 -13.95
N PHE C 172 -27.24 -34.72 -13.06
CA PHE C 172 -27.22 -34.42 -11.64
C PHE C 172 -25.83 -34.55 -11.08
N PRO C 173 -25.52 -33.73 -10.06
CA PRO C 173 -24.21 -33.74 -9.41
C PRO C 173 -23.99 -35.02 -8.61
N ALA C 174 -22.73 -35.41 -8.43
CA ALA C 174 -22.40 -36.60 -7.66
C ALA C 174 -22.76 -36.41 -6.19
N VAL C 175 -23.05 -37.52 -5.52
CA VAL C 175 -23.37 -37.48 -4.10
C VAL C 175 -22.54 -38.54 -3.38
N LEU C 176 -21.66 -38.09 -2.48
CA LEU C 176 -20.75 -39.01 -1.79
C LEU C 176 -21.47 -39.76 -0.68
N GLN C 177 -21.46 -41.09 -0.78
CA GLN C 177 -22.03 -41.94 0.26
C GLN C 177 -21.14 -43.16 0.49
N SER C 178 -20.73 -43.35 1.74
CA SER C 178 -19.86 -44.46 2.11
C SER C 178 -18.63 -44.55 1.21
N ASP C 179 -18.00 -43.40 0.98
CA ASP C 179 -16.76 -43.31 0.20
C ASP C 179 -16.92 -43.70 -1.27
N LEU C 180 -18.10 -43.46 -1.83
CA LEU C 180 -18.30 -43.68 -3.27
C LEU C 180 -19.36 -42.72 -3.82
N TYR C 181 -19.15 -42.26 -5.05
CA TYR C 181 -20.06 -41.31 -5.68
C TYR C 181 -21.11 -42.01 -6.54
N THR C 182 -22.33 -41.47 -6.50
CA THR C 182 -23.39 -41.94 -7.38
C THR C 182 -23.96 -40.75 -8.16
N LEU C 183 -23.88 -40.85 -9.48
CA LEU C 183 -24.32 -39.79 -10.36
C LEU C 183 -25.40 -40.29 -11.31
N SER C 184 -26.21 -39.37 -11.82
CA SER C 184 -27.26 -39.75 -12.77
C SER C 184 -27.55 -38.60 -13.72
N SER C 185 -28.05 -38.92 -14.90
CA SER C 185 -28.36 -37.92 -15.91
C SER C 185 -29.69 -38.20 -16.59
N SER C 186 -30.54 -37.18 -16.68
CA SER C 186 -31.82 -37.31 -17.34
C SER C 186 -31.83 -36.52 -18.64
N VAL C 187 -32.46 -37.10 -19.66
CA VAL C 187 -32.61 -36.43 -20.95
C VAL C 187 -34.01 -36.67 -21.50
N THR C 188 -34.65 -35.60 -21.95
CA THR C 188 -35.99 -35.70 -22.48
C THR C 188 -36.02 -35.39 -23.98
N VAL C 189 -36.24 -36.43 -24.78
CA VAL C 189 -36.42 -36.26 -26.21
C VAL C 189 -37.89 -36.45 -26.57
N THR C 190 -38.23 -36.26 -27.84
CA THR C 190 -39.59 -36.48 -28.30
C THR C 190 -39.93 -37.96 -28.26
N SER C 191 -41.23 -38.26 -28.26
CA SER C 191 -41.69 -39.64 -28.20
C SER C 191 -41.01 -40.52 -29.25
N SER C 192 -40.90 -40.02 -30.47
CA SER C 192 -40.32 -40.81 -31.54
C SER C 192 -38.83 -40.56 -31.78
N THR C 193 -38.23 -39.66 -31.01
CA THR C 193 -36.79 -39.45 -31.13
C THR C 193 -36.06 -40.70 -30.66
N TRP C 194 -36.72 -41.45 -29.78
CA TRP C 194 -36.18 -42.70 -29.26
C TRP C 194 -37.32 -43.72 -29.08
N PRO C 195 -37.02 -45.00 -29.34
CA PRO C 195 -35.75 -45.47 -29.89
C PRO C 195 -35.73 -45.51 -31.42
N SER C 196 -36.12 -44.42 -32.08
CA SER C 196 -36.01 -44.34 -33.53
C SER C 196 -34.59 -43.97 -33.91
N GLN C 197 -34.03 -43.03 -33.15
CA GLN C 197 -32.64 -42.64 -33.32
C GLN C 197 -31.81 -43.27 -32.21
N SER C 198 -30.50 -43.00 -32.23
CA SER C 198 -29.60 -43.58 -31.25
C SER C 198 -29.37 -42.64 -30.07
N ILE C 199 -29.89 -43.02 -28.91
CA ILE C 199 -29.68 -42.26 -27.70
C ILE C 199 -28.84 -43.07 -26.72
N THR C 200 -27.61 -42.64 -26.50
CA THR C 200 -26.67 -43.39 -25.67
C THR C 200 -26.00 -42.49 -24.64
N CYS C 201 -25.86 -43.01 -23.42
CA CYS C 201 -25.19 -42.29 -22.34
C CYS C 201 -23.72 -42.66 -22.27
N ASN C 202 -22.85 -41.69 -22.59
CA ASN C 202 -21.42 -41.91 -22.52
C ASN C 202 -20.84 -41.35 -21.23
N VAL C 203 -20.06 -42.16 -20.53
CA VAL C 203 -19.48 -41.76 -19.26
C VAL C 203 -17.96 -41.78 -19.32
N ALA C 204 -17.35 -40.71 -18.82
CA ALA C 204 -15.90 -40.61 -18.78
C ALA C 204 -15.40 -40.50 -17.35
N HIS C 205 -14.68 -41.51 -16.90
CA HIS C 205 -14.07 -41.49 -15.57
C HIS C 205 -12.56 -41.67 -15.69
N PRO C 206 -11.85 -40.56 -15.94
CA PRO C 206 -10.39 -40.52 -16.16
C PRO C 206 -9.59 -41.16 -15.01
N ALA C 207 -10.12 -41.08 -13.80
CA ALA C 207 -9.43 -41.60 -12.62
C ALA C 207 -9.10 -43.09 -12.78
N SER C 208 -10.11 -43.89 -13.10
CA SER C 208 -9.90 -45.32 -13.32
C SER C 208 -9.74 -45.67 -14.80
N SER C 209 -9.74 -44.65 -15.66
CA SER C 209 -9.67 -44.85 -17.10
C SER C 209 -10.87 -45.64 -17.59
N THR C 210 -12.06 -45.23 -17.15
CA THR C 210 -13.29 -45.88 -17.56
C THR C 210 -14.04 -45.03 -18.59
N LYS C 211 -14.09 -45.50 -19.82
CA LYS C 211 -14.84 -44.83 -20.87
C LYS C 211 -15.94 -45.77 -21.35
N VAL C 212 -17.19 -45.39 -21.09
CA VAL C 212 -18.30 -46.31 -21.38
C VAL C 212 -19.48 -45.61 -22.04
N ASP C 213 -20.03 -46.27 -23.05
CA ASP C 213 -21.24 -45.80 -23.72
C ASP C 213 -22.39 -46.78 -23.44
N LYS C 214 -23.59 -46.25 -23.23
CA LYS C 214 -24.74 -47.12 -23.00
C LYS C 214 -25.91 -46.79 -23.92
N LYS C 215 -26.21 -47.73 -24.81
CA LYS C 215 -27.38 -47.64 -25.68
C LYS C 215 -28.29 -48.82 -25.42
N ILE C 216 -29.51 -48.56 -24.99
CA ILE C 216 -30.39 -49.63 -24.56
C ILE C 216 -31.83 -49.46 -25.02
N GLU C 217 -32.42 -50.56 -25.50
CA GLU C 217 -33.83 -50.59 -25.83
C GLU C 217 -34.65 -50.97 -24.60
N PRO C 218 -35.93 -50.61 -24.59
CA PRO C 218 -36.82 -50.89 -23.47
C PRO C 218 -37.13 -52.38 -23.31
N ARG C 219 -36.08 -53.19 -23.16
CA ARG C 219 -36.24 -54.64 -23.01
C ARG C 219 -36.70 -54.99 -21.60
C1 GLC D . 19.21 47.13 25.57
C2 GLC D . 19.22 46.63 27.02
C3 GLC D . 18.10 45.63 27.22
C4 GLC D . 18.15 44.56 26.14
C5 GLC D . 18.05 45.23 24.78
C6 GLC D . 16.78 44.80 24.05
O1 GLC D . 20.35 46.64 24.90
O2 GLC D . 20.47 46.03 27.30
O3 GLC D . 16.87 46.30 27.15
O4 GLC D . 19.39 43.88 26.20
O5 GLC D . 18.05 46.64 24.93
O6 GLC D . 16.91 45.10 22.68
C1 GLC D . 19.49 42.64 26.89
C2 GLC D . 20.67 42.79 27.84
C3 GLC D . 21.65 41.66 27.69
C4 GLC D . 20.87 40.36 27.65
C5 GLC D . 20.02 40.32 26.39
C6 GLC D . 18.78 39.45 26.59
O2 GLC D . 21.33 44.01 27.57
O3 GLC D . 22.54 41.66 28.79
O4 GLC D . 21.76 39.26 27.65
O5 GLC D . 19.69 41.62 25.93
O6 GLC D . 19.18 38.10 26.64
O 42F E . 18.06 23.06 6.80
C14 42F E . 18.58 21.95 6.88
O1 42F E . 19.89 21.75 7.21
C15 42F E . 20.68 21.75 6.02
C5 42F E . 17.79 20.68 6.56
C4 42F E . 16.81 21.00 5.44
C3 42F E . 15.85 19.83 5.24
C2 42F E . 14.69 20.14 6.20
N 42F E . 15.89 22.08 5.78
C 42F E . 14.99 22.34 4.65
C6 42F E . 17.00 20.19 7.76
C7 42F E . 15.93 21.20 8.10
C1 42F E . 15.10 21.46 6.85
C8 42F E . 17.81 19.99 8.88
C13 42F E . 17.83 20.96 9.89
C12 42F E . 18.61 20.77 11.02
C11 42F E . 19.37 19.62 11.16
I 42F E . 20.55 19.36 12.89
C10 42F E . 19.35 18.65 10.16
C9 42F E . 18.56 18.83 9.02
C1 CLR F . 1.51 12.01 -7.59
C2 CLR F . 1.63 10.59 -8.13
C3 CLR F . 0.93 10.51 -9.48
C4 CLR F . 1.65 11.42 -10.47
C5 CLR F . 2.06 12.76 -9.91
C6 CLR F . 2.25 13.77 -10.78
C7 CLR F . 1.97 15.20 -10.40
C8 CLR F . 2.48 15.46 -8.99
C9 CLR F . 1.91 14.41 -8.04
C10 CLR F . 2.31 12.98 -8.43
C11 CLR F . 2.28 14.70 -6.58
C12 CLR F . 1.86 16.10 -6.15
C13 CLR F . 2.51 17.10 -7.10
C14 CLR F . 2.03 16.83 -8.50
C15 CLR F . 2.47 18.05 -9.30
C16 CLR F . 2.40 19.20 -8.29
C17 CLR F . 2.13 18.56 -6.93
C18 CLR F . 4.03 16.96 -7.03
C19 CLR F . 3.80 12.78 -8.18
C20 CLR F . 2.83 19.29 -5.79
C21 CLR F . 2.61 18.59 -4.45
C22 CLR F . 2.36 20.74 -5.72
C23 CLR F . 2.68 21.37 -4.37
C24 CLR F . 1.94 22.68 -4.17
C25 CLR F . 2.72 23.87 -4.72
C26 CLR F . 2.89 23.77 -6.24
C27 CLR F . 2.06 25.19 -4.33
O1 CLR F . 0.95 9.16 -9.95
C8 P4G G . 20.91 26.35 -0.88
C7 P4G G . 21.97 25.85 0.07
O4 P4G G . 23.01 25.27 -0.67
C6 P4G G . 24.09 24.78 0.09
C5 P4G G . 25.20 24.40 -0.86
O3 P4G G . 24.64 24.14 -2.13
C4 P4G G . 25.57 23.72 -3.10
C3 P4G G . 24.84 23.33 -4.37
O2 P4G G . 24.16 24.44 -4.90
C2 P4G G . 23.71 24.24 -6.24
C1 P4G G . 23.25 25.56 -6.82
H81 P4G G . 21.30 27.05 -1.45
H82 P4G G . 20.16 26.72 -0.38
H83 P4G G . 20.60 25.61 -1.44
H71 P4G G . 22.32 26.60 0.60
H72 P4G G . 21.59 25.18 0.67
H61 P4G G . 23.80 23.99 0.59
H62 P4G G . 24.40 25.48 0.70
H51 P4G G . 25.83 25.14 -0.94
H52 P4G G . 25.66 23.61 -0.53
H41 P4G G . 26.04 22.94 -2.76
H42 P4G G . 26.20 24.44 -3.29
H31 P4G G . 24.19 22.63 -4.16
H32 P4G G . 25.47 22.99 -5.02
H21 P4G G . 24.45 23.89 -6.77
H22 P4G G . 22.97 23.61 -6.24
H11 P4G G . 23.98 26.21 -6.78
H12 P4G G . 22.49 25.89 -6.31
H13 P4G G . 22.98 25.43 -7.74
C1 CLR H . -4.39 17.55 10.63
C2 CLR H . -4.28 16.11 11.09
C3 CLR H . -3.79 15.25 9.93
C4 CLR H . -2.40 15.70 9.49
C5 CLR H . -2.08 17.16 9.73
C6 CLR H . -0.91 17.63 9.29
C7 CLR H . -0.82 18.97 8.62
C8 CLR H . -1.71 19.99 9.32
C9 CLR H . -3.08 19.41 9.61
C10 CLR H . -3.00 18.13 10.44
C11 CLR H . -4.00 20.46 10.27
C12 CLR H . -4.10 21.75 9.44
C13 CLR H . -2.69 22.28 9.16
C14 CLR H . -1.90 21.21 8.45
C15 CLR H . -0.66 21.92 7.95
C16 CLR H . -1.17 23.32 7.61
C17 CLR H . -2.59 23.43 8.17
C18 CLR H . -2.01 22.64 10.47
C19 CLR H . -2.38 18.44 11.81
C20 CLR H . -2.87 24.81 8.75
C21 CLR H . -4.31 24.93 9.24
C22 CLR H . -2.55 25.84 7.68
C23 CLR H . -2.86 27.26 8.14
C24 CLR H . -1.94 28.24 7.41
C25 CLR H . -2.66 29.52 7.02
C26 CLR H . -3.72 29.24 5.96
C27 CLR H . -1.68 30.58 6.55
O1 CLR H . -3.75 13.88 10.33
NA NA I . 11.96 23.33 3.44
CL CL J . 10.10 24.97 -0.34
NA NA K . 10.81 23.17 11.47
#